data_3CS9
#
_entry.id   3CS9
#
_cell.length_a   93.926
_cell.length_b   118.088
_cell.length_c   123.683
_cell.angle_alpha   90.00
_cell.angle_beta   90.00
_cell.angle_gamma   90.00
#
_symmetry.space_group_name_H-M   'P 21 21 21'
#
loop_
_entity.id
_entity.type
_entity.pdbx_description
1 polymer 'Proto-oncogene tyrosine-protein kinase ABL1'
2 non-polymer Nilotinib
3 water water
#
_entity_poly.entity_id   1
_entity_poly.type   'polypeptide(L)'
_entity_poly.pdbx_seq_one_letter_code
;GAMDPSPNYDKWEMERTDITMKHKLGGGQYGEVYEGVWKKYSLTVAVKTLKEDTMEVEEFLKEAAVMKEIKHPNLVQLLG
VCTREPPFYIITEFMTYGNLLDYLRECNRQEVNAVVLLYMATQISSAMEYLEKKNFIHRDLAARNCLVGENHLVKVADFG
LSRLMTGDTYTAHAGAKFPIKWTAPESLAYNKFSIKSDVWAFGVLLWEIATYGMSPYPGIDLSQVYELLEKDYRMERPEG
CPEKVYELMRACWQWNPSDRPSFAEIHQAFETMFQES
;
_entity_poly.pdbx_strand_id   A,B,C,D
#
loop_
_chem_comp.id
_chem_comp.type
_chem_comp.name
_chem_comp.formula
NIL non-polymer Nilotinib 'C28 H22 F3 N7 O'
#
# COMPACT_ATOMS: atom_id res chain seq x y z
N ASP A 10 -15.78 17.31 -32.07
CA ASP A 10 -14.87 16.12 -31.79
C ASP A 10 -14.80 15.23 -33.04
N LYS A 11 -13.66 15.28 -33.75
CA LYS A 11 -13.39 14.39 -34.92
C LYS A 11 -13.42 12.89 -34.58
N TRP A 12 -13.36 12.55 -33.29
CA TRP A 12 -13.33 11.16 -32.87
C TRP A 12 -14.73 10.56 -32.79
N GLU A 13 -15.74 11.40 -32.54
CA GLU A 13 -17.10 10.91 -32.43
C GLU A 13 -17.50 10.28 -33.74
N MET A 14 -18.22 9.18 -33.67
CA MET A 14 -18.58 8.52 -34.89
C MET A 14 -19.98 8.00 -34.79
N GLU A 15 -20.48 7.49 -35.91
CA GLU A 15 -21.87 7.11 -35.97
C GLU A 15 -22.01 5.69 -35.46
N ARG A 16 -22.60 5.55 -34.28
CA ARG A 16 -22.88 4.23 -33.71
C ARG A 16 -23.44 3.28 -34.76
N THR A 17 -24.32 3.84 -35.59
CA THR A 17 -24.93 3.18 -36.77
C THR A 17 -23.93 2.71 -37.83
N ASP A 18 -22.82 3.44 -37.99
CA ASP A 18 -21.70 3.03 -38.86
C ASP A 18 -21.07 1.67 -38.46
N ILE A 19 -21.40 1.14 -37.28
CA ILE A 19 -20.80 -0.08 -36.76
C ILE A 19 -21.81 -1.23 -36.59
N THR A 20 -21.58 -2.36 -37.26
CA THR A 20 -22.26 -3.62 -36.94
C THR A 20 -21.53 -4.40 -35.85
N MET A 21 -22.15 -4.52 -34.69
CA MET A 21 -21.65 -5.31 -33.59
C MET A 21 -21.85 -6.81 -33.75
N LYS A 22 -20.80 -7.58 -33.50
CA LYS A 22 -20.79 -9.03 -33.58
C LYS A 22 -20.49 -9.67 -32.20
N HIS A 23 -19.77 -10.78 -32.16
CA HIS A 23 -19.57 -11.48 -30.89
C HIS A 23 -18.52 -10.84 -29.99
N LYS A 24 -18.67 -11.10 -28.69
CA LYS A 24 -17.65 -10.84 -27.71
C LYS A 24 -16.34 -11.48 -28.13
N LEU A 25 -15.27 -10.68 -28.05
CA LEU A 25 -13.95 -11.15 -28.42
C LEU A 25 -13.39 -12.06 -27.37
N GLY A 26 -12.48 -12.92 -27.81
CA GLY A 26 -11.63 -13.68 -26.92
C GLY A 26 -12.46 -14.59 -26.05
N GLY A 27 -13.62 -15.00 -26.58
CA GLY A 27 -14.66 -15.68 -25.82
C GLY A 27 -14.87 -15.08 -24.43
N GLY A 28 -14.86 -13.75 -24.31
CA GLY A 28 -15.21 -13.08 -23.05
C GLY A 28 -14.08 -12.69 -22.09
N GLN A 29 -12.86 -13.12 -22.36
CA GLN A 29 -11.70 -12.78 -21.51
C GLN A 29 -11.32 -11.29 -21.46
N TYR A 30 -11.93 -10.45 -22.30
CA TYR A 30 -11.66 -9.02 -22.26
C TYR A 30 -12.81 -8.23 -21.69
N GLY A 31 -13.85 -8.93 -21.20
CA GLY A 31 -15.08 -8.27 -20.72
C GLY A 31 -15.97 -7.80 -21.86
N GLU A 32 -16.53 -6.61 -21.77
CA GLU A 32 -17.42 -6.12 -22.83
C GLU A 32 -16.70 -5.50 -24.02
N VAL A 33 -15.94 -6.31 -24.71
CA VAL A 33 -15.31 -5.91 -25.96
C VAL A 33 -15.80 -6.85 -27.03
N TYR A 34 -16.20 -6.29 -28.17
CA TYR A 34 -16.85 -7.05 -29.24
C TYR A 34 -16.13 -6.87 -30.53
N GLU A 35 -16.13 -7.92 -31.33
CA GLU A 35 -15.80 -7.79 -32.74
C GLU A 35 -16.89 -6.94 -33.41
N GLY A 36 -16.48 -5.97 -34.22
CA GLY A 36 -17.40 -5.17 -35.01
C GLY A 36 -16.93 -5.05 -36.44
N VAL A 37 -17.81 -4.61 -37.32
CA VAL A 37 -17.44 -4.18 -38.67
C VAL A 37 -17.82 -2.73 -38.83
N TRP A 38 -16.86 -1.89 -39.21
CA TRP A 38 -17.11 -0.51 -39.54
C TRP A 38 -17.51 -0.50 -41.03
N LYS A 39 -18.82 -0.46 -41.25
CA LYS A 39 -19.43 -0.73 -42.58
C LYS A 39 -18.89 0.23 -43.62
N LYS A 40 -18.88 1.50 -43.26
CA LYS A 40 -18.31 2.52 -44.12
C LYS A 40 -17.06 2.04 -44.86
N TYR A 41 -16.18 1.27 -44.18
CA TYR A 41 -14.95 0.64 -44.77
C TYR A 41 -14.87 -0.89 -44.68
N SER A 42 -15.98 -1.56 -44.40
CA SER A 42 -16.04 -3.01 -44.12
C SER A 42 -14.81 -3.56 -43.36
N LEU A 43 -14.46 -2.81 -42.31
CA LEU A 43 -13.21 -2.99 -41.57
C LEU A 43 -13.58 -3.64 -40.27
N THR A 44 -12.90 -4.72 -39.95
CA THR A 44 -13.08 -5.35 -38.67
C THR A 44 -12.42 -4.45 -37.67
N VAL A 45 -13.14 -4.18 -36.59
CA VAL A 45 -12.65 -3.35 -35.46
C VAL A 45 -13.00 -4.05 -34.17
N ALA A 46 -12.37 -3.60 -33.07
CA ALA A 46 -12.73 -4.02 -31.72
C ALA A 46 -13.47 -2.88 -31.01
N VAL A 47 -14.54 -3.23 -30.30
CA VAL A 47 -15.39 -2.21 -29.71
C VAL A 47 -15.56 -2.53 -28.26
N LYS A 48 -15.12 -1.61 -27.43
CA LYS A 48 -15.37 -1.67 -26.00
C LYS A 48 -16.56 -0.81 -25.63
N THR A 49 -17.52 -1.41 -24.95
CA THR A 49 -18.77 -0.75 -24.60
C THR A 49 -18.94 -0.70 -23.09
N LEU A 50 -19.73 0.25 -22.65
CA LEU A 50 -20.05 0.38 -21.25
C LEU A 50 -21.37 -0.38 -20.96
N LYS A 51 -21.26 -1.40 -20.09
CA LYS A 51 -22.13 -2.58 -20.08
C LYS A 51 -23.59 -2.26 -19.78
N GLU A 56 -19.31 3.35 -13.55
CA GLU A 56 -17.97 3.47 -14.11
C GLU A 56 -17.86 4.43 -15.30
N VAL A 57 -18.85 5.33 -15.46
CA VAL A 57 -18.82 6.29 -16.59
C VAL A 57 -17.58 7.22 -16.64
N GLU A 58 -17.17 7.85 -15.53
CA GLU A 58 -16.00 8.71 -15.55
C GLU A 58 -14.73 7.96 -15.93
N GLU A 59 -14.58 6.74 -15.45
CA GLU A 59 -13.42 5.90 -15.78
C GLU A 59 -13.40 5.56 -17.29
N PHE A 60 -14.53 5.17 -17.84
CA PHE A 60 -14.63 4.88 -19.26
C PHE A 60 -14.32 6.15 -20.07
N LEU A 61 -14.83 7.32 -19.68
CA LEU A 61 -14.57 8.52 -20.46
C LEU A 61 -13.12 8.96 -20.30
N LYS A 62 -12.57 8.75 -19.12
CA LYS A 62 -11.12 8.95 -18.95
C LYS A 62 -10.33 8.07 -19.93
N GLU A 63 -10.66 6.81 -20.02
CA GLU A 63 -9.93 5.93 -20.95
C GLU A 63 -9.92 6.55 -22.34
N ALA A 64 -11.12 6.99 -22.82
CA ALA A 64 -11.25 7.54 -24.19
C ALA A 64 -10.42 8.78 -24.37
N ALA A 65 -10.45 9.66 -23.39
CA ALA A 65 -9.72 10.93 -23.46
C ALA A 65 -8.20 10.70 -23.52
N VAL A 66 -7.71 9.79 -22.71
CA VAL A 66 -6.30 9.44 -22.67
C VAL A 66 -5.88 8.84 -24.02
N MET A 67 -6.69 7.94 -24.57
CA MET A 67 -6.34 7.32 -25.85
C MET A 67 -6.31 8.32 -27.01
N LYS A 68 -7.01 9.45 -26.91
CA LYS A 68 -6.95 10.46 -27.99
C LYS A 68 -5.57 11.14 -28.05
N GLU A 69 -4.85 11.17 -26.93
CA GLU A 69 -3.58 11.87 -26.86
C GLU A 69 -2.34 11.00 -27.12
N ILE A 70 -2.53 9.72 -27.48
CA ILE A 70 -1.38 8.78 -27.64
C ILE A 70 -1.51 8.12 -28.98
N LYS A 71 -0.40 8.05 -29.70
CA LYS A 71 -0.40 7.59 -31.08
C LYS A 71 0.97 7.09 -31.48
N HIS A 72 1.10 5.80 -31.76
CA HIS A 72 2.38 5.27 -32.10
C HIS A 72 2.13 3.99 -32.88
N PRO A 73 3.03 3.67 -33.84
CA PRO A 73 2.94 2.40 -34.58
C PRO A 73 2.79 1.17 -33.71
N ASN A 74 3.37 1.22 -32.50
CA ASN A 74 3.35 0.06 -31.60
C ASN A 74 2.48 0.24 -30.39
N LEU A 75 1.51 1.17 -30.47
CA LEU A 75 0.39 1.29 -29.53
C LEU A 75 -0.90 1.08 -30.25
N VAL A 76 -1.81 0.33 -29.62
CA VAL A 76 -3.10 0.04 -30.23
C VAL A 76 -3.76 1.34 -30.75
N GLN A 77 -4.34 1.28 -31.95
CA GLN A 77 -4.86 2.50 -32.60
C GLN A 77 -6.32 2.76 -32.26
N LEU A 78 -6.55 3.90 -31.58
CA LEU A 78 -7.90 4.42 -31.42
C LEU A 78 -8.43 4.89 -32.78
N LEU A 79 -9.64 4.42 -33.13
CA LEU A 79 -10.31 4.72 -34.39
C LEU A 79 -11.49 5.66 -34.16
N GLY A 80 -12.20 5.52 -33.05
CA GLY A 80 -13.26 6.47 -32.74
C GLY A 80 -13.89 6.18 -31.39
N VAL A 81 -14.87 6.98 -31.03
CA VAL A 81 -15.68 6.77 -29.83
C VAL A 81 -17.14 7.16 -30.09
N CYS A 82 -18.06 6.50 -29.39
CA CYS A 82 -19.47 6.91 -29.25
C CYS A 82 -19.72 7.24 -27.78
N THR A 83 -19.63 8.53 -27.45
CA THR A 83 -19.80 8.99 -26.08
C THR A 83 -20.77 10.18 -25.99
N ARG A 84 -21.64 10.30 -26.98
CA ARG A 84 -22.57 11.43 -27.03
C ARG A 84 -23.87 11.02 -26.34
N GLU A 85 -24.11 9.70 -26.28
CA GLU A 85 -25.25 9.10 -25.58
C GLU A 85 -25.01 7.57 -25.35
N PRO A 86 -25.63 6.98 -24.33
CA PRO A 86 -25.40 5.55 -23.99
C PRO A 86 -25.94 4.56 -25.03
N PRO A 87 -25.42 3.31 -25.11
CA PRO A 87 -24.18 2.85 -24.46
C PRO A 87 -22.94 3.38 -25.13
N PHE A 88 -21.99 3.88 -24.35
CA PHE A 88 -20.78 4.45 -24.91
C PHE A 88 -19.88 3.35 -25.51
N TYR A 89 -19.15 3.72 -26.56
CA TYR A 89 -18.17 2.87 -27.24
C TYR A 89 -16.78 3.56 -27.33
N ILE A 90 -15.76 2.74 -27.19
CA ILE A 90 -14.41 3.02 -27.67
C ILE A 90 -14.11 1.94 -28.75
N ILE A 91 -13.68 2.38 -29.92
CA ILE A 91 -13.40 1.53 -31.08
C ILE A 91 -11.96 1.62 -31.44
N THR A 92 -11.27 0.48 -31.51
CA THR A 92 -9.86 0.46 -31.94
C THR A 92 -9.70 -0.46 -33.15
N GLU A 93 -8.54 -0.41 -33.77
CA GLU A 93 -8.18 -1.47 -34.74
C GLU A 93 -8.28 -2.85 -34.08
N PHE A 94 -8.50 -3.86 -34.91
CA PHE A 94 -8.62 -5.26 -34.51
C PHE A 94 -7.31 -5.94 -34.94
N MET A 95 -6.65 -6.64 -34.02
CA MET A 95 -5.36 -7.22 -34.32
C MET A 95 -5.56 -8.68 -34.58
N THR A 96 -5.29 -9.08 -35.82
CA THR A 96 -5.50 -10.45 -36.29
C THR A 96 -5.17 -11.56 -35.30
N TYR A 97 -3.99 -11.54 -34.71
CA TYR A 97 -3.52 -12.70 -33.92
C TYR A 97 -3.78 -12.61 -32.41
N GLY A 98 -4.46 -11.55 -32.00
CA GLY A 98 -4.89 -11.41 -30.63
C GLY A 98 -3.73 -11.13 -29.70
N ASN A 99 -3.89 -11.53 -28.44
CA ASN A 99 -2.95 -11.13 -27.39
C ASN A 99 -1.65 -11.91 -27.44
N LEU A 100 -0.58 -11.23 -27.07
CA LEU A 100 0.78 -11.77 -27.17
C LEU A 100 1.01 -12.99 -26.31
N LEU A 101 0.38 -13.03 -25.11
CA LEU A 101 0.55 -14.15 -24.20
C LEU A 101 0.09 -15.49 -24.81
N ASP A 102 -1.16 -15.49 -25.29
CA ASP A 102 -1.70 -16.64 -25.97
C ASP A 102 -0.97 -16.91 -27.28
N TYR A 103 -0.59 -15.85 -28.00
CA TYR A 103 0.19 -16.02 -29.22
C TYR A 103 1.46 -16.79 -29.00
N LEU A 104 2.25 -16.39 -28.02
CA LEU A 104 3.47 -17.08 -27.65
C LEU A 104 3.19 -18.51 -27.25
N ARG A 105 2.18 -18.72 -26.45
CA ARG A 105 1.88 -20.06 -25.98
C ARG A 105 1.47 -21.02 -27.09
N GLU A 106 0.79 -20.47 -28.10
CA GLU A 106 0.21 -21.24 -29.18
C GLU A 106 1.04 -21.26 -30.47
N CYS A 107 2.15 -20.55 -30.54
CA CYS A 107 2.80 -20.38 -31.82
C CYS A 107 3.60 -21.59 -32.26
N ASN A 108 3.95 -21.54 -33.55
CA ASN A 108 5.02 -22.36 -34.11
C ASN A 108 6.35 -21.73 -33.82
N ARG A 109 7.12 -22.33 -32.90
CA ARG A 109 8.36 -21.74 -32.44
C ARG A 109 9.48 -21.72 -33.48
N GLN A 110 9.38 -22.63 -34.48
CA GLN A 110 10.24 -22.55 -35.63
C GLN A 110 10.03 -21.26 -36.42
N GLU A 111 8.79 -20.82 -36.57
CA GLU A 111 8.47 -19.54 -37.21
C GLU A 111 8.76 -18.40 -36.24
N VAL A 112 8.30 -18.54 -35.00
CA VAL A 112 8.51 -17.50 -34.01
C VAL A 112 9.74 -17.83 -33.21
N ASN A 113 10.89 -17.61 -33.82
CA ASN A 113 12.18 -18.05 -33.29
C ASN A 113 12.83 -16.91 -32.59
N ALA A 114 14.09 -17.09 -32.26
CA ALA A 114 14.82 -16.15 -31.45
C ALA A 114 14.96 -14.76 -32.04
N VAL A 115 15.14 -14.69 -33.36
CA VAL A 115 15.27 -13.42 -34.02
C VAL A 115 13.92 -12.73 -33.97
N VAL A 116 12.84 -13.49 -34.16
CA VAL A 116 11.49 -12.90 -34.03
C VAL A 116 11.17 -12.38 -32.62
N LEU A 117 11.62 -13.11 -31.59
CA LEU A 117 11.41 -12.69 -30.22
C LEU A 117 12.08 -11.37 -29.95
N LEU A 118 13.26 -11.25 -30.49
CA LEU A 118 14.01 -10.01 -30.33
C LEU A 118 13.30 -8.85 -31.00
N TYR A 119 12.69 -9.13 -32.15
CA TYR A 119 12.00 -8.12 -32.92
C TYR A 119 10.74 -7.63 -32.18
N MET A 120 9.97 -8.54 -31.61
CA MET A 120 8.88 -8.23 -30.73
C MET A 120 9.31 -7.35 -29.57
N ALA A 121 10.42 -7.71 -28.91
CA ALA A 121 10.87 -6.97 -27.76
C ALA A 121 11.23 -5.53 -28.19
N THR A 122 11.89 -5.41 -29.33
CA THR A 122 12.30 -4.11 -29.89
C THR A 122 11.09 -3.21 -30.16
N GLN A 123 10.03 -3.78 -30.72
CA GLN A 123 8.82 -3.06 -30.97
C GLN A 123 8.15 -2.59 -29.71
N ILE A 124 8.09 -3.46 -28.70
CA ILE A 124 7.54 -3.07 -27.39
C ILE A 124 8.35 -1.95 -26.75
N SER A 125 9.67 -2.08 -26.76
CA SER A 125 10.54 -1.02 -26.22
C SER A 125 10.35 0.34 -26.94
N SER A 126 10.00 0.32 -28.22
CA SER A 126 9.77 1.55 -28.98
C SER A 126 8.49 2.22 -28.50
N ALA A 127 7.43 1.45 -28.28
CA ALA A 127 6.23 2.08 -27.75
C ALA A 127 6.50 2.69 -26.37
N MET A 128 7.29 1.98 -25.58
CA MET A 128 7.51 2.37 -24.19
C MET A 128 8.39 3.57 -24.12
N GLU A 129 9.34 3.65 -25.02
CA GLU A 129 10.15 4.83 -25.20
C GLU A 129 9.27 6.07 -25.54
N TYR A 130 8.29 5.88 -26.42
CA TYR A 130 7.40 6.98 -26.77
C TYR A 130 6.58 7.37 -25.51
N LEU A 131 5.96 6.40 -24.81
CA LEU A 131 5.23 6.72 -23.60
C LEU A 131 6.10 7.40 -22.56
N GLU A 132 7.34 6.98 -22.42
CA GLU A 132 8.26 7.65 -21.51
C GLU A 132 8.46 9.14 -21.93
N LYS A 133 8.63 9.41 -23.22
CA LYS A 133 8.76 10.77 -23.68
C LYS A 133 7.54 11.61 -23.34
N LYS A 134 6.37 11.00 -23.32
CA LYS A 134 5.11 11.64 -22.96
C LYS A 134 4.86 11.71 -21.46
N ASN A 135 5.79 11.25 -20.64
CA ASN A 135 5.56 11.12 -19.19
C ASN A 135 4.27 10.37 -18.88
N PHE A 136 3.97 9.36 -19.68
CA PHE A 136 2.80 8.56 -19.52
C PHE A 136 3.21 7.26 -18.78
N ILE A 137 2.48 6.90 -17.72
CA ILE A 137 2.79 5.73 -16.92
C ILE A 137 1.79 4.64 -17.26
N HIS A 138 2.26 3.51 -17.77
CA HIS A 138 1.33 2.49 -18.24
C HIS A 138 0.60 1.76 -17.07
N ARG A 139 1.39 1.28 -16.15
CA ARG A 139 0.94 0.64 -14.92
C ARG A 139 0.58 -0.82 -15.04
N ASP A 140 0.41 -1.36 -16.24
CA ASP A 140 0.12 -2.80 -16.32
C ASP A 140 0.70 -3.46 -17.59
N LEU A 141 2.00 -3.24 -17.80
CA LEU A 141 2.69 -3.81 -18.91
C LEU A 141 2.93 -5.30 -18.69
N ALA A 142 2.60 -6.09 -19.68
CA ALA A 142 2.63 -7.52 -19.59
C ALA A 142 2.23 -8.04 -20.98
N ALA A 143 2.60 -9.27 -21.29
CA ALA A 143 2.19 -9.97 -22.51
C ALA A 143 0.66 -10.08 -22.72
N ARG A 144 -0.08 -10.27 -21.63
CA ARG A 144 -1.52 -10.28 -21.66
C ARG A 144 -2.13 -8.96 -22.13
N ASN A 145 -1.37 -7.85 -22.02
CA ASN A 145 -1.82 -6.54 -22.49
C ASN A 145 -1.20 -6.06 -23.82
N CYS A 146 -0.61 -6.98 -24.57
CA CYS A 146 -0.10 -6.68 -25.90
C CYS A 146 -0.86 -7.49 -26.95
N LEU A 147 -0.84 -6.99 -28.19
CA LEU A 147 -1.54 -7.55 -29.33
C LEU A 147 -0.56 -7.83 -30.46
N VAL A 148 -0.89 -8.85 -31.23
CA VAL A 148 -0.05 -9.25 -32.33
C VAL A 148 -0.86 -9.13 -33.65
N GLY A 149 -0.24 -8.50 -34.63
CA GLY A 149 -0.79 -8.44 -36.00
C GLY A 149 0.05 -9.22 -37.02
N GLU A 150 -0.12 -8.87 -38.28
CA GLU A 150 0.60 -9.56 -39.38
C GLU A 150 2.05 -9.19 -39.30
N ASN A 151 2.87 -10.11 -39.81
CA ASN A 151 4.28 -9.99 -39.87
C ASN A 151 4.96 -9.70 -38.54
N HIS A 152 4.45 -10.29 -37.48
CA HIS A 152 4.98 -10.13 -36.11
C HIS A 152 5.01 -8.74 -35.60
N LEU A 153 4.06 -7.93 -36.11
CA LEU A 153 3.77 -6.65 -35.61
C LEU A 153 3.20 -6.84 -34.18
N VAL A 154 3.73 -6.09 -33.24
CA VAL A 154 3.30 -6.13 -31.85
C VAL A 154 2.97 -4.73 -31.38
N LYS A 155 1.87 -4.63 -30.63
CA LYS A 155 1.47 -3.36 -30.02
C LYS A 155 1.11 -3.51 -28.54
N VAL A 156 1.46 -2.49 -27.79
CA VAL A 156 1.07 -2.31 -26.40
C VAL A 156 -0.34 -1.75 -26.36
N ALA A 157 -1.09 -2.26 -25.38
CA ALA A 157 -2.44 -1.95 -25.13
C ALA A 157 -2.67 -2.00 -23.59
N ASP A 158 -3.91 -1.82 -23.21
CA ASP A 158 -4.28 -1.93 -21.79
C ASP A 158 -5.69 -2.31 -21.68
N PHE A 159 -5.96 -3.60 -21.53
CA PHE A 159 -7.32 -4.09 -21.47
C PHE A 159 -8.05 -3.92 -20.13
N GLY A 160 -7.42 -3.29 -19.15
CA GLY A 160 -8.10 -3.03 -17.86
C GLY A 160 -8.50 -4.38 -17.29
N LEU A 161 -7.54 -5.30 -17.27
CA LEU A 161 -7.79 -6.72 -16.87
C LEU A 161 -8.03 -6.96 -15.35
N SER A 162 -7.55 -6.06 -14.50
CA SER A 162 -7.50 -6.36 -13.07
C SER A 162 -8.82 -6.76 -12.41
N ARG A 163 -9.96 -6.23 -12.85
CA ARG A 163 -11.27 -6.74 -12.38
C ARG A 163 -11.89 -8.01 -13.11
N LEU A 164 -11.50 -8.31 -14.34
CA LEU A 164 -12.15 -9.45 -15.07
C LEU A 164 -11.44 -10.81 -14.88
N MET A 165 -10.13 -10.81 -15.15
CA MET A 165 -9.31 -12.03 -15.26
C MET A 165 -9.51 -13.05 -14.12
N THR A 166 -9.74 -14.33 -14.47
CA THR A 166 -9.78 -15.41 -13.49
C THR A 166 -8.35 -15.75 -13.10
N GLY A 167 -8.20 -16.55 -12.06
CA GLY A 167 -6.87 -17.04 -11.67
C GLY A 167 -6.24 -16.11 -10.66
N ASP A 168 -5.00 -16.42 -10.33
CA ASP A 168 -4.27 -15.61 -9.39
C ASP A 168 -3.30 -14.71 -10.13
N THR A 169 -3.67 -14.29 -11.36
CA THR A 169 -2.83 -13.30 -12.08
C THR A 169 -2.90 -11.99 -11.29
N TYR A 170 -4.12 -11.53 -11.07
CA TYR A 170 -4.36 -10.33 -10.26
C TYR A 170 -4.89 -10.78 -8.87
N THR A 171 -4.34 -10.21 -7.81
CA THR A 171 -4.73 -10.56 -6.46
C THR A 171 -4.88 -9.31 -5.60
N ALA A 172 -5.76 -9.43 -4.61
CA ALA A 172 -6.09 -8.36 -3.70
C ALA A 172 -4.84 -7.76 -3.05
N HIS A 173 -4.73 -6.43 -3.12
CA HIS A 173 -3.57 -5.74 -2.58
C HIS A 173 -3.91 -4.26 -2.57
N ALA A 174 -3.67 -3.60 -1.44
CA ALA A 174 -3.89 -2.14 -1.32
C ALA A 174 -5.24 -1.65 -1.83
N GLY A 175 -6.30 -2.39 -1.55
CA GLY A 175 -7.60 -1.95 -1.98
C GLY A 175 -7.96 -2.18 -3.42
N ALA A 176 -7.06 -2.76 -4.22
CA ALA A 176 -7.40 -3.10 -5.61
C ALA A 176 -6.87 -4.54 -5.94
N LYS A 177 -6.65 -4.83 -7.22
CA LYS A 177 -6.05 -6.11 -7.61
C LYS A 177 -4.81 -5.81 -8.43
N PHE A 178 -3.69 -6.39 -7.97
CA PHE A 178 -2.39 -6.22 -8.58
C PHE A 178 -1.90 -7.53 -9.16
N PRO A 179 -1.20 -7.46 -10.27
CA PRO A 179 -0.43 -8.61 -10.82
C PRO A 179 0.90 -8.63 -10.07
N ILE A 180 0.92 -9.26 -8.90
CA ILE A 180 2.03 -9.12 -7.95
C ILE A 180 3.37 -9.41 -8.60
N LYS A 181 3.40 -10.49 -9.40
CA LYS A 181 4.64 -10.95 -10.04
C LYS A 181 5.21 -10.08 -11.17
N TRP A 182 4.45 -9.07 -11.59
CA TRP A 182 4.92 -8.08 -12.57
C TRP A 182 5.21 -6.73 -11.94
N THR A 183 4.94 -6.61 -10.64
CA THR A 183 4.91 -5.33 -9.95
C THR A 183 6.23 -4.99 -9.22
N ALA A 184 6.70 -3.77 -9.42
CA ALA A 184 7.94 -3.34 -8.85
C ALA A 184 7.81 -3.25 -7.33
N PRO A 185 8.88 -3.45 -6.61
CA PRO A 185 8.80 -3.49 -5.13
C PRO A 185 8.26 -2.20 -4.49
N GLU A 186 8.69 -1.03 -4.98
CA GLU A 186 8.15 0.22 -4.45
C GLU A 186 6.68 0.40 -4.77
N SER A 187 6.19 -0.25 -5.83
CA SER A 187 4.77 -0.17 -6.19
C SER A 187 3.97 -1.08 -5.30
N LEU A 188 4.53 -2.23 -4.97
CA LEU A 188 3.96 -3.10 -3.95
C LEU A 188 3.93 -2.54 -2.55
N ALA A 189 5.07 -2.05 -2.07
CA ALA A 189 5.19 -1.51 -0.72
C ALA A 189 4.51 -0.14 -0.52
N TYR A 190 4.66 0.78 -1.47
CA TYR A 190 4.28 2.17 -1.30
C TYR A 190 3.23 2.65 -2.27
N ASN A 191 2.76 1.78 -3.15
CA ASN A 191 1.82 2.21 -4.19
C ASN A 191 2.40 3.32 -5.08
N LYS A 192 3.71 3.31 -5.24
CA LYS A 192 4.44 4.25 -6.06
C LYS A 192 4.65 3.64 -7.45
N PHE A 193 3.94 4.19 -8.43
CA PHE A 193 4.05 3.86 -9.84
C PHE A 193 4.73 5.02 -10.61
N SER A 194 5.59 4.65 -11.56
CA SER A 194 6.34 5.63 -12.35
C SER A 194 6.79 4.94 -13.62
N ILE A 195 7.49 5.67 -14.48
CA ILE A 195 8.08 5.11 -15.67
C ILE A 195 9.01 3.96 -15.25
N LYS A 196 9.71 4.10 -14.12
CA LYS A 196 10.64 3.07 -13.68
C LYS A 196 9.92 1.82 -13.19
N SER A 197 8.70 1.93 -12.70
CA SER A 197 8.01 0.69 -12.41
C SER A 197 7.58 0.00 -13.70
N ASP A 198 7.35 0.78 -14.77
CA ASP A 198 7.03 0.25 -16.09
C ASP A 198 8.28 -0.51 -16.61
N VAL A 199 9.47 0.05 -16.38
CA VAL A 199 10.71 -0.62 -16.77
C VAL A 199 10.79 -1.99 -16.06
N TRP A 200 10.52 -2.04 -14.75
CA TRP A 200 10.52 -3.31 -14.02
C TRP A 200 9.58 -4.30 -14.67
N ALA A 201 8.37 -3.87 -14.95
CA ALA A 201 7.40 -4.77 -15.59
C ALA A 201 7.87 -5.16 -17.00
N PHE A 202 8.50 -4.24 -17.73
CA PHE A 202 9.05 -4.59 -19.02
C PHE A 202 10.03 -5.77 -18.87
N GLY A 203 10.87 -5.75 -17.82
CA GLY A 203 11.79 -6.86 -17.63
C GLY A 203 11.05 -8.16 -17.44
N VAL A 204 9.93 -8.15 -16.72
CA VAL A 204 9.13 -9.36 -16.59
C VAL A 204 8.53 -9.79 -17.92
N LEU A 205 8.02 -8.82 -18.69
CA LEU A 205 7.55 -9.07 -20.04
C LEU A 205 8.62 -9.75 -20.94
N LEU A 206 9.88 -9.33 -20.83
CA LEU A 206 10.96 -9.92 -21.59
C LEU A 206 11.18 -11.39 -21.24
N TRP A 207 11.01 -11.71 -19.97
CA TRP A 207 11.06 -13.10 -19.51
C TRP A 207 9.86 -13.89 -20.02
N GLU A 208 8.69 -13.28 -20.01
CA GLU A 208 7.51 -13.93 -20.64
C GLU A 208 7.79 -14.28 -22.10
N ILE A 209 8.48 -13.37 -22.79
CA ILE A 209 8.68 -13.53 -24.22
C ILE A 209 9.68 -14.67 -24.41
N ALA A 210 10.79 -14.59 -23.69
CA ALA A 210 11.86 -15.60 -23.79
C ALA A 210 11.36 -17.02 -23.46
N THR A 211 10.37 -17.19 -22.60
CA THR A 211 9.84 -18.53 -22.24
C THR A 211 8.58 -18.90 -23.04
N TYR A 212 8.23 -18.09 -24.04
CA TYR A 212 7.00 -18.29 -24.79
C TYR A 212 5.73 -18.32 -23.89
N GLY A 213 5.71 -17.42 -22.90
CA GLY A 213 4.58 -17.20 -22.06
C GLY A 213 4.40 -18.14 -20.87
N MET A 214 5.47 -18.58 -20.22
CA MET A 214 5.35 -19.20 -18.92
C MET A 214 5.01 -18.14 -17.90
N SER A 215 4.42 -18.60 -16.80
CA SER A 215 4.08 -17.75 -15.66
C SER A 215 5.32 -17.49 -14.83
N PRO A 216 5.54 -16.24 -14.45
CA PRO A 216 6.75 -15.89 -13.72
C PRO A 216 6.92 -16.47 -12.32
N TYR A 217 8.16 -16.50 -11.83
CA TYR A 217 8.59 -17.11 -10.52
C TYR A 217 7.88 -18.41 -10.31
N PRO A 218 8.16 -19.39 -11.19
CA PRO A 218 7.35 -20.58 -11.19
C PRO A 218 7.37 -21.24 -9.80
N GLY A 219 6.20 -21.57 -9.28
CA GLY A 219 6.05 -22.34 -8.07
C GLY A 219 6.19 -21.53 -6.78
N ILE A 220 6.56 -20.27 -6.92
CA ILE A 220 6.81 -19.41 -5.74
C ILE A 220 5.56 -18.65 -5.38
N ASP A 221 5.07 -18.85 -4.16
CA ASP A 221 3.83 -18.21 -3.76
C ASP A 221 3.99 -16.72 -3.67
N LEU A 222 2.92 -16.04 -4.07
CA LEU A 222 2.82 -14.61 -4.13
C LEU A 222 3.19 -13.94 -2.85
N SER A 223 2.82 -14.54 -1.73
CA SER A 223 3.07 -13.94 -0.45
C SER A 223 4.55 -13.90 -0.09
N GLN A 224 5.37 -14.68 -0.80
CA GLN A 224 6.81 -14.69 -0.51
C GLN A 224 7.64 -13.83 -1.49
N VAL A 225 7.04 -13.37 -2.59
CA VAL A 225 7.79 -12.67 -3.64
C VAL A 225 8.55 -11.40 -3.17
N TYR A 226 7.86 -10.54 -2.41
CA TYR A 226 8.43 -9.25 -2.02
C TYR A 226 9.71 -9.48 -1.21
N GLU A 227 9.63 -10.42 -0.26
CA GLU A 227 10.71 -10.68 0.69
C GLU A 227 11.91 -11.28 -0.02
N LEU A 228 11.64 -12.17 -0.95
CA LEU A 228 12.68 -12.65 -1.88
C LEU A 228 13.36 -11.56 -2.66
N LEU A 229 12.57 -10.70 -3.29
CA LEU A 229 13.11 -9.59 -4.07
C LEU A 229 14.01 -8.70 -3.22
N GLU A 230 13.54 -8.48 -2.01
CA GLU A 230 14.27 -7.68 -1.05
C GLU A 230 15.62 -8.33 -0.70
N LYS A 231 15.73 -9.64 -0.81
CA LYS A 231 17.00 -10.38 -0.63
C LYS A 231 17.74 -10.71 -1.93
N ASP A 232 17.41 -9.98 -3.00
CA ASP A 232 18.13 -10.01 -4.27
C ASP A 232 17.95 -11.32 -5.01
N TYR A 233 16.88 -12.03 -4.71
CA TYR A 233 16.45 -13.11 -5.56
C TYR A 233 15.84 -12.53 -6.83
N ARG A 234 16.25 -13.07 -7.97
CA ARG A 234 15.65 -12.72 -9.27
C ARG A 234 15.52 -13.99 -10.06
N MET A 235 14.57 -14.02 -10.96
CA MET A 235 14.42 -15.16 -11.88
C MET A 235 15.71 -15.38 -12.66
N GLU A 236 16.01 -16.66 -12.87
CA GLU A 236 17.16 -17.18 -13.63
C GLU A 236 16.95 -16.96 -15.13
N ARG A 237 18.03 -16.95 -15.86
CA ARG A 237 18.03 -16.86 -17.32
C ARG A 237 17.27 -18.06 -17.88
N PRO A 238 16.21 -17.82 -18.64
CA PRO A 238 15.52 -18.87 -19.38
C PRO A 238 16.38 -19.57 -20.42
N GLU A 239 16.03 -20.80 -20.71
CA GLU A 239 16.78 -21.64 -21.68
C GLU A 239 16.77 -20.95 -23.03
N GLY A 240 17.97 -20.71 -23.57
CA GLY A 240 18.14 -20.11 -24.88
C GLY A 240 17.85 -18.62 -24.95
N CYS A 241 17.75 -17.94 -23.80
CA CYS A 241 17.61 -16.49 -23.86
C CYS A 241 19.04 -15.92 -24.00
N PRO A 242 19.27 -15.02 -24.94
CA PRO A 242 20.62 -14.56 -25.15
C PRO A 242 21.07 -13.82 -23.89
N GLU A 243 22.37 -13.86 -23.67
CA GLU A 243 23.00 -13.28 -22.49
C GLU A 243 22.71 -11.82 -22.35
N LYS A 244 22.85 -11.09 -23.45
CA LYS A 244 22.63 -9.65 -23.45
C LYS A 244 21.20 -9.31 -23.08
N VAL A 245 20.24 -10.15 -23.49
CA VAL A 245 18.82 -9.94 -23.17
C VAL A 245 18.62 -10.16 -21.68
N TYR A 246 19.18 -11.21 -21.12
CA TYR A 246 19.11 -11.42 -19.68
C TYR A 246 19.75 -10.32 -18.88
N GLU A 247 20.91 -9.83 -19.32
CA GLU A 247 21.56 -8.69 -18.71
C GLU A 247 20.58 -7.49 -18.64
N LEU A 248 19.86 -7.20 -19.72
CA LEU A 248 18.83 -6.17 -19.72
C LEU A 248 17.70 -6.48 -18.78
N MET A 249 17.20 -7.72 -18.72
CA MET A 249 16.22 -8.05 -17.65
C MET A 249 16.72 -7.66 -16.26
N ARG A 250 17.96 -8.09 -15.95
CA ARG A 250 18.57 -7.87 -14.63
C ARG A 250 18.64 -6.40 -14.27
N ALA A 251 18.95 -5.58 -15.27
CA ALA A 251 19.02 -4.13 -15.08
C ALA A 251 17.62 -3.57 -14.82
N CYS A 252 16.60 -4.13 -15.48
CA CYS A 252 15.23 -3.66 -15.31
C CYS A 252 14.75 -3.99 -13.89
N TRP A 253 15.28 -5.04 -13.29
CA TRP A 253 14.90 -5.47 -11.95
C TRP A 253 15.85 -5.02 -10.84
N GLN A 254 16.55 -3.90 -11.05
CA GLN A 254 17.29 -3.29 -9.99
C GLN A 254 16.30 -2.78 -8.94
N TRP A 255 16.60 -3.03 -7.68
CA TRP A 255 15.71 -2.67 -6.57
C TRP A 255 15.42 -1.22 -6.55
N ASN A 256 16.46 -0.43 -6.72
CA ASN A 256 16.29 1.04 -6.68
C ASN A 256 15.84 1.55 -8.05
N PRO A 257 14.65 2.14 -8.17
CA PRO A 257 14.15 2.58 -9.48
C PRO A 257 15.14 3.40 -10.31
N SER A 258 15.84 4.35 -9.66
CA SER A 258 16.82 5.17 -10.36
C SER A 258 18.00 4.36 -10.92
N ASP A 259 18.22 3.14 -10.44
CA ASP A 259 19.27 2.26 -11.01
C ASP A 259 18.85 1.52 -12.31
N ARG A 260 17.57 1.59 -12.64
CA ARG A 260 17.01 0.91 -13.81
C ARG A 260 17.28 1.76 -15.02
N PRO A 261 17.48 1.16 -16.18
CA PRO A 261 17.63 1.94 -17.42
C PRO A 261 16.35 2.58 -17.85
N SER A 262 16.49 3.61 -18.68
CA SER A 262 15.36 4.26 -19.31
C SER A 262 14.97 3.43 -20.51
N PHE A 263 13.73 3.61 -20.97
CA PHE A 263 13.27 2.92 -22.16
C PHE A 263 14.03 3.39 -23.42
N ALA A 264 14.51 4.64 -23.46
CA ALA A 264 15.36 5.09 -24.54
C ALA A 264 16.60 4.28 -24.61
N GLU A 265 17.21 4.00 -23.47
CA GLU A 265 18.40 3.12 -23.43
C GLU A 265 18.03 1.67 -23.81
N ILE A 266 16.93 1.18 -23.29
CA ILE A 266 16.49 -0.16 -23.60
C ILE A 266 16.22 -0.27 -25.09
N HIS A 267 15.48 0.68 -25.66
CA HIS A 267 15.22 0.60 -27.10
C HIS A 267 16.53 0.61 -27.92
N GLN A 268 17.46 1.49 -27.57
CA GLN A 268 18.72 1.57 -28.32
C GLN A 268 19.45 0.24 -28.25
N ALA A 269 19.42 -0.42 -27.11
CA ALA A 269 20.12 -1.67 -26.98
C ALA A 269 19.50 -2.78 -27.85
N PHE A 270 18.18 -2.85 -27.87
CA PHE A 270 17.48 -3.82 -28.71
C PHE A 270 17.68 -3.55 -30.16
N GLU A 271 17.62 -2.28 -30.55
CA GLU A 271 17.93 -1.86 -31.91
C GLU A 271 19.31 -2.32 -32.33
N THR A 272 20.33 -2.07 -31.51
CA THR A 272 21.66 -2.57 -31.82
C THR A 272 21.72 -4.11 -31.91
N MET A 273 21.16 -4.83 -30.94
CA MET A 273 21.17 -6.28 -31.03
C MET A 273 20.45 -6.81 -32.29
N PHE A 274 19.35 -6.16 -32.66
CA PHE A 274 18.54 -6.64 -33.79
C PHE A 274 19.30 -6.37 -35.11
N GLN A 275 19.96 -5.21 -35.19
CA GLN A 275 20.80 -4.89 -36.32
C GLN A 275 21.87 -5.96 -36.51
N GLU A 276 22.44 -6.44 -35.42
CA GLU A 276 23.56 -7.40 -35.49
C GLU A 276 23.12 -8.85 -35.65
N SER A 277 21.82 -9.11 -35.74
CA SER A 277 21.30 -10.48 -35.88
C SER A 277 20.81 -10.69 -37.30
N ASP B 10 -48.67 1.09 -8.74
CA ASP B 10 -47.30 1.64 -8.57
C ASP B 10 -46.28 0.53 -8.76
N LYS B 11 -45.44 0.65 -9.78
CA LYS B 11 -44.45 -0.38 -10.09
C LYS B 11 -43.38 -0.53 -8.99
N TRP B 12 -43.28 0.44 -8.10
CA TRP B 12 -42.23 0.42 -7.08
C TRP B 12 -42.61 -0.51 -5.94
N GLU B 13 -43.91 -0.72 -5.79
CA GLU B 13 -44.42 -1.51 -4.70
C GLU B 13 -43.95 -2.96 -4.84
N MET B 14 -43.40 -3.49 -3.75
CA MET B 14 -43.03 -4.89 -3.71
C MET B 14 -43.46 -5.53 -2.42
N GLU B 15 -43.32 -6.85 -2.37
CA GLU B 15 -43.76 -7.61 -1.22
C GLU B 15 -42.75 -7.52 -0.07
N ARG B 16 -43.23 -7.05 1.07
CA ARG B 16 -42.40 -6.93 2.28
C ARG B 16 -41.71 -8.23 2.64
N THR B 17 -42.26 -9.31 2.10
CA THR B 17 -41.83 -10.66 2.34
C THR B 17 -40.64 -11.04 1.46
N ASP B 18 -40.28 -10.17 0.52
CA ASP B 18 -39.14 -10.43 -0.34
C ASP B 18 -37.79 -10.30 0.37
N ILE B 19 -37.80 -9.72 1.56
CA ILE B 19 -36.58 -9.25 2.21
C ILE B 19 -36.34 -9.94 3.53
N THR B 20 -35.12 -10.43 3.75
CA THR B 20 -34.69 -10.84 5.11
C THR B 20 -34.03 -9.66 5.84
N MET B 21 -34.63 -9.21 6.94
CA MET B 21 -34.06 -8.09 7.68
C MET B 21 -32.95 -8.52 8.61
N LYS B 22 -31.73 -8.01 8.37
CA LYS B 22 -30.59 -8.14 9.28
C LYS B 22 -30.48 -6.94 10.25
N HIS B 23 -29.29 -6.68 10.77
CA HIS B 23 -29.08 -5.66 11.83
C HIS B 23 -29.00 -4.21 11.32
N LYS B 24 -29.22 -3.24 12.21
CA LYS B 24 -29.05 -1.82 11.89
C LYS B 24 -27.65 -1.49 11.38
N LEU B 25 -27.60 -0.63 10.36
CA LEU B 25 -26.35 -0.19 9.76
C LEU B 25 -25.66 0.90 10.58
N GLY B 26 -24.33 0.93 10.47
CA GLY B 26 -23.47 1.93 11.12
C GLY B 26 -23.87 2.31 12.53
N GLY B 27 -23.94 1.32 13.41
CA GLY B 27 -24.30 1.59 14.82
C GLY B 27 -25.29 2.74 14.95
N GLY B 28 -26.47 2.57 14.35
CA GLY B 28 -27.58 3.49 14.55
C GLY B 28 -27.40 4.92 14.06
N GLN B 29 -26.31 5.18 13.34
CA GLN B 29 -25.99 6.57 12.95
C GLN B 29 -26.86 7.09 11.79
N TYR B 30 -27.67 6.20 11.20
CA TYR B 30 -28.56 6.54 10.11
C TYR B 30 -30.00 6.35 10.54
N GLY B 31 -30.21 6.26 11.86
CA GLY B 31 -31.51 5.89 12.43
C GLY B 31 -32.01 4.51 12.00
N GLU B 32 -33.31 4.44 11.75
CA GLU B 32 -33.99 3.17 11.48
C GLU B 32 -33.74 2.63 10.09
N VAL B 33 -32.47 2.34 9.80
CA VAL B 33 -32.05 1.79 8.53
C VAL B 33 -31.30 0.50 8.82
N TYR B 34 -31.67 -0.55 8.09
CA TYR B 34 -31.21 -1.91 8.41
C TYR B 34 -30.62 -2.57 7.19
N GLU B 35 -29.56 -3.36 7.41
CA GLU B 35 -29.04 -4.25 6.37
C GLU B 35 -30.11 -5.29 6.02
N GLY B 36 -30.26 -5.61 4.76
CA GLY B 36 -31.33 -6.48 4.35
C GLY B 36 -30.82 -7.34 3.24
N VAL B 37 -31.60 -8.38 2.89
CA VAL B 37 -31.28 -9.24 1.75
C VAL B 37 -32.54 -9.45 0.90
N TRP B 38 -32.41 -9.17 -0.39
CA TRP B 38 -33.51 -9.36 -1.32
C TRP B 38 -33.39 -10.80 -1.80
N LYS B 39 -34.24 -11.67 -1.24
CA LYS B 39 -34.09 -13.15 -1.25
C LYS B 39 -33.96 -13.72 -2.65
N LYS B 40 -34.92 -13.38 -3.50
CA LYS B 40 -34.91 -13.81 -4.91
C LYS B 40 -33.54 -13.65 -5.53
N TYR B 41 -32.93 -12.48 -5.34
CA TYR B 41 -31.71 -12.10 -6.05
C TYR B 41 -30.44 -12.23 -5.22
N SER B 42 -30.56 -12.74 -4.00
CA SER B 42 -29.44 -12.78 -3.05
C SER B 42 -28.62 -11.50 -3.20
N LEU B 43 -29.27 -10.40 -2.84
CA LEU B 43 -28.74 -9.06 -3.01
C LEU B 43 -28.89 -8.32 -1.70
N THR B 44 -27.77 -8.09 -1.02
CA THR B 44 -27.78 -7.22 0.14
C THR B 44 -28.34 -5.83 -0.31
N VAL B 45 -29.13 -5.22 0.56
CA VAL B 45 -29.77 -3.96 0.26
C VAL B 45 -29.83 -3.23 1.55
N ALA B 46 -30.20 -1.95 1.47
CA ALA B 46 -30.44 -1.11 2.66
C ALA B 46 -31.92 -0.75 2.73
N VAL B 47 -32.45 -0.83 3.95
CA VAL B 47 -33.89 -0.73 4.16
C VAL B 47 -34.14 0.27 5.25
N LYS B 48 -34.80 1.37 4.89
CA LYS B 48 -35.24 2.33 5.87
C LYS B 48 -36.67 1.99 6.19
N THR B 49 -37.02 2.11 7.46
CA THR B 49 -38.21 1.46 7.95
C THR B 49 -39.11 2.34 8.82
N LEU B 50 -40.43 2.17 8.68
CA LEU B 50 -41.39 2.88 9.56
C LEU B 50 -42.49 1.99 10.14
N THR B 54 -49.14 6.52 12.03
CA THR B 54 -48.38 7.66 12.59
C THR B 54 -48.51 8.91 11.70
N MET B 55 -48.13 10.07 12.24
CA MET B 55 -48.08 11.32 11.45
C MET B 55 -46.91 11.31 10.45
N GLU B 56 -45.82 10.61 10.82
CA GLU B 56 -44.61 10.56 10.00
C GLU B 56 -44.72 9.75 8.68
N VAL B 57 -45.83 9.03 8.52
CA VAL B 57 -46.06 8.25 7.30
C VAL B 57 -46.08 9.14 6.04
N GLU B 58 -46.61 10.35 6.18
CA GLU B 58 -46.66 11.30 5.09
C GLU B 58 -45.25 11.65 4.60
N GLU B 59 -44.36 12.03 5.53
CA GLU B 59 -42.95 12.38 5.22
C GLU B 59 -42.15 11.25 4.57
N PHE B 60 -42.34 10.06 5.12
CA PHE B 60 -41.68 8.88 4.65
C PHE B 60 -42.12 8.62 3.22
N LEU B 61 -43.41 8.79 3.01
CA LEU B 61 -44.00 8.69 1.69
C LEU B 61 -43.48 9.81 0.75
N LYS B 62 -43.29 11.02 1.29
CA LYS B 62 -42.80 12.15 0.51
C LYS B 62 -41.41 11.82 0.03
N GLU B 63 -40.59 11.24 0.90
CA GLU B 63 -39.22 10.93 0.58
C GLU B 63 -39.16 9.95 -0.60
N ALA B 64 -40.03 8.94 -0.56
CA ALA B 64 -40.03 7.90 -1.59
C ALA B 64 -40.49 8.46 -2.94
N ALA B 65 -41.43 9.40 -2.91
CA ALA B 65 -41.89 10.01 -4.16
C ALA B 65 -40.71 10.65 -4.84
N VAL B 66 -39.94 11.45 -4.12
CA VAL B 66 -38.81 12.17 -4.74
C VAL B 66 -37.89 11.15 -5.42
N MET B 67 -37.51 10.16 -4.63
CA MET B 67 -36.58 9.13 -5.03
C MET B 67 -36.98 8.36 -6.28
N LYS B 68 -38.27 8.14 -6.46
CA LYS B 68 -38.74 7.51 -7.68
C LYS B 68 -38.55 8.42 -8.89
N GLU B 69 -38.28 9.70 -8.69
CA GLU B 69 -38.09 10.62 -9.80
C GLU B 69 -36.64 10.77 -10.17
N ILE B 70 -35.75 10.52 -9.23
CA ILE B 70 -34.35 10.75 -9.49
C ILE B 70 -33.63 9.44 -9.80
N LYS B 71 -32.85 9.46 -10.87
CA LYS B 71 -32.09 8.31 -11.26
C LYS B 71 -30.76 8.68 -11.87
N HIS B 72 -29.68 8.31 -11.19
CA HIS B 72 -28.38 8.67 -11.66
C HIS B 72 -27.40 7.74 -11.02
N PRO B 73 -26.32 7.39 -11.71
CA PRO B 73 -25.33 6.44 -11.16
C PRO B 73 -24.62 6.88 -9.88
N ASN B 74 -24.59 8.17 -9.57
CA ASN B 74 -23.96 8.62 -8.34
C ASN B 74 -24.96 9.24 -7.35
N LEU B 75 -26.23 8.84 -7.46
CA LEU B 75 -27.27 9.06 -6.45
C LEU B 75 -27.76 7.70 -5.93
N VAL B 76 -27.92 7.54 -4.63
CA VAL B 76 -28.32 6.24 -4.10
C VAL B 76 -29.59 5.76 -4.85
N GLN B 77 -29.60 4.53 -5.33
CA GLN B 77 -30.75 4.06 -6.15
C GLN B 77 -31.83 3.33 -5.33
N LEU B 78 -33.04 3.89 -5.39
CA LEU B 78 -34.26 3.24 -4.95
C LEU B 78 -34.48 1.94 -5.70
N LEU B 79 -34.72 0.86 -4.96
CA LEU B 79 -35.04 -0.43 -5.53
C LEU B 79 -36.54 -0.70 -5.43
N GLY B 80 -37.13 -0.36 -4.31
CA GLY B 80 -38.57 -0.51 -4.14
C GLY B 80 -39.06 -0.02 -2.81
N VAL B 81 -40.36 -0.18 -2.61
CA VAL B 81 -41.09 0.35 -1.45
C VAL B 81 -42.15 -0.66 -0.98
N CYS B 82 -42.39 -0.66 0.32
CA CYS B 82 -43.55 -1.34 0.90
C CYS B 82 -44.37 -0.30 1.66
N THR B 83 -45.45 0.12 1.02
CA THR B 83 -46.23 1.25 1.47
C THR B 83 -47.73 0.99 1.42
N ARG B 84 -48.11 -0.28 1.58
CA ARG B 84 -49.51 -0.70 1.48
C ARG B 84 -50.09 -0.86 2.92
N GLU B 85 -49.25 -1.24 3.89
CA GLU B 85 -49.59 -1.17 5.33
C GLU B 85 -48.30 -1.30 6.17
N PRO B 86 -48.35 -1.06 7.48
CA PRO B 86 -47.12 -1.06 8.28
C PRO B 86 -46.63 -2.47 8.61
N PRO B 87 -45.31 -2.67 8.75
CA PRO B 87 -44.28 -1.61 8.71
C PRO B 87 -43.85 -1.16 7.31
N PHE B 88 -43.58 0.13 7.17
CA PHE B 88 -43.30 0.77 5.88
C PHE B 88 -41.83 0.75 5.45
N TYR B 89 -41.57 0.32 4.21
CA TYR B 89 -40.19 0.25 3.69
C TYR B 89 -39.87 1.23 2.55
N ILE B 90 -38.66 1.80 2.64
CA ILE B 90 -37.94 2.31 1.50
C ILE B 90 -36.67 1.48 1.39
N ILE B 91 -36.49 0.89 0.22
CA ILE B 91 -35.40 -0.03 -0.03
C ILE B 91 -34.46 0.57 -1.08
N THR B 92 -33.17 0.56 -0.79
CA THR B 92 -32.16 0.98 -1.78
C THR B 92 -31.04 -0.03 -1.82
N GLU B 93 -30.19 0.16 -2.81
CA GLU B 93 -28.93 -0.54 -2.88
C GLU B 93 -28.13 -0.33 -1.61
N PHE B 94 -27.13 -1.18 -1.43
CA PHE B 94 -26.26 -1.22 -0.29
C PHE B 94 -24.91 -0.73 -0.78
N MET B 95 -24.18 0.03 0.04
CA MET B 95 -22.87 0.58 -0.38
C MET B 95 -21.84 0.12 0.61
N THR B 96 -20.95 -0.73 0.14
CA THR B 96 -20.14 -1.58 1.00
C THR B 96 -19.31 -0.87 2.07
N TYR B 97 -18.76 0.31 1.74
CA TYR B 97 -17.82 0.96 2.63
C TYR B 97 -18.45 2.03 3.52
N GLY B 98 -19.79 2.13 3.49
CA GLY B 98 -20.51 3.07 4.37
C GLY B 98 -20.36 4.53 3.95
N ASN B 99 -20.47 5.47 4.88
CA ASN B 99 -20.45 6.88 4.51
C ASN B 99 -19.04 7.33 4.27
N LEU B 100 -18.92 8.36 3.41
CA LEU B 100 -17.64 8.83 2.91
C LEU B 100 -16.83 9.49 4.02
N LEU B 101 -17.53 10.08 4.96
CA LEU B 101 -16.83 10.75 6.05
C LEU B 101 -16.02 9.75 6.93
N ASP B 102 -16.64 8.66 7.31
CA ASP B 102 -15.92 7.63 8.07
C ASP B 102 -14.93 6.98 7.21
N TYR B 103 -15.31 6.73 5.96
CA TYR B 103 -14.41 6.10 5.05
C TYR B 103 -13.11 6.88 5.00
N LEU B 104 -13.20 8.17 4.71
CA LEU B 104 -11.98 9.00 4.58
C LEU B 104 -11.15 9.01 5.85
N ARG B 105 -11.79 8.97 7.02
CA ARG B 105 -11.04 9.05 8.29
C ARG B 105 -10.34 7.74 8.58
N GLU B 106 -10.85 6.62 8.08
CA GLU B 106 -10.27 5.33 8.42
C GLU B 106 -9.32 4.80 7.34
N CYS B 107 -9.27 5.48 6.19
CA CYS B 107 -8.64 4.90 4.99
C CYS B 107 -7.13 5.01 5.00
N ASN B 108 -6.52 4.14 4.21
CA ASN B 108 -5.11 4.19 3.91
C ASN B 108 -4.93 5.18 2.76
N ARG B 109 -4.16 6.24 3.02
CA ARG B 109 -3.99 7.35 2.09
C ARG B 109 -3.04 7.13 0.93
N GLN B 110 -2.20 6.09 1.01
CA GLN B 110 -1.34 5.71 -0.11
C GLN B 110 -2.20 5.15 -1.19
N GLU B 111 -3.20 4.38 -0.76
CA GLU B 111 -4.21 3.88 -1.63
C GLU B 111 -5.21 4.99 -2.06
N VAL B 112 -5.76 5.68 -1.06
CA VAL B 112 -6.71 6.77 -1.37
C VAL B 112 -5.94 8.04 -1.56
N ASN B 113 -5.35 8.11 -2.73
CA ASN B 113 -4.37 9.11 -3.01
C ASN B 113 -4.98 10.21 -3.88
N ALA B 114 -4.12 11.07 -4.42
CA ALA B 114 -4.53 12.30 -5.05
C ALA B 114 -5.58 12.07 -6.12
N VAL B 115 -5.33 11.08 -6.98
CA VAL B 115 -6.15 10.89 -8.15
C VAL B 115 -7.48 10.29 -7.68
N VAL B 116 -7.45 9.52 -6.60
CA VAL B 116 -8.70 9.03 -6.05
C VAL B 116 -9.59 10.19 -5.50
N LEU B 117 -8.97 11.15 -4.80
CA LEU B 117 -9.70 12.32 -4.33
C LEU B 117 -10.39 13.10 -5.50
N LEU B 118 -9.70 13.32 -6.62
CA LEU B 118 -10.30 13.92 -7.84
C LEU B 118 -11.48 13.11 -8.39
N TYR B 119 -11.32 11.80 -8.39
CA TYR B 119 -12.34 10.86 -8.84
C TYR B 119 -13.58 10.98 -8.02
N MET B 120 -13.41 10.96 -6.70
CA MET B 120 -14.49 11.20 -5.76
C MET B 120 -15.23 12.50 -6.00
N ALA B 121 -14.52 13.62 -6.10
CA ALA B 121 -15.14 14.93 -6.41
C ALA B 121 -15.85 14.99 -7.77
N THR B 122 -15.30 14.30 -8.76
CA THR B 122 -15.89 14.23 -10.14
C THR B 122 -17.24 13.48 -10.10
N GLN B 123 -17.29 12.42 -9.34
CA GLN B 123 -18.52 11.67 -9.17
C GLN B 123 -19.59 12.42 -8.38
N ILE B 124 -19.21 13.08 -7.28
CA ILE B 124 -20.15 13.87 -6.52
C ILE B 124 -20.69 14.97 -7.39
N SER B 125 -19.80 15.66 -8.10
CA SER B 125 -20.19 16.79 -8.96
C SER B 125 -21.13 16.39 -10.11
N SER B 126 -20.97 15.16 -10.60
CA SER B 126 -21.87 14.62 -11.63
C SER B 126 -23.29 14.42 -11.11
N ALA B 127 -23.40 13.84 -9.92
CA ALA B 127 -24.69 13.74 -9.28
C ALA B 127 -25.33 15.13 -9.09
N MET B 128 -24.52 16.09 -8.65
CA MET B 128 -25.06 17.39 -8.35
C MET B 128 -25.47 18.13 -9.61
N GLU B 129 -24.72 17.95 -10.66
CA GLU B 129 -25.07 18.51 -11.94
C GLU B 129 -26.43 17.93 -12.42
N TYR B 130 -26.69 16.67 -12.17
CA TYR B 130 -27.99 16.08 -12.46
C TYR B 130 -29.14 16.74 -11.67
N LEU B 131 -28.96 16.90 -10.38
CA LEU B 131 -29.95 17.56 -9.56
C LEU B 131 -30.18 18.97 -9.97
N GLU B 132 -29.10 19.65 -10.34
CA GLU B 132 -29.21 21.02 -10.82
C GLU B 132 -30.09 21.12 -12.08
N LYS B 133 -29.93 20.21 -13.03
CA LYS B 133 -30.78 20.24 -14.26
C LYS B 133 -32.27 20.05 -13.89
N LYS B 134 -32.56 19.11 -12.99
CA LYS B 134 -33.90 18.98 -12.45
C LYS B 134 -34.36 20.14 -11.54
N ASN B 135 -33.53 21.14 -11.27
CA ASN B 135 -33.88 22.15 -10.26
C ASN B 135 -34.23 21.46 -8.95
N PHE B 136 -33.55 20.41 -8.55
CA PHE B 136 -33.76 19.87 -7.24
C PHE B 136 -32.67 20.40 -6.29
N ILE B 137 -33.05 20.90 -5.11
CA ILE B 137 -32.10 21.43 -4.13
C ILE B 137 -31.87 20.41 -3.02
N HIS B 138 -30.62 19.94 -2.85
CA HIS B 138 -30.29 18.92 -1.88
C HIS B 138 -30.36 19.41 -0.43
N ARG B 139 -29.64 20.48 -0.13
CA ARG B 139 -29.82 21.16 1.14
C ARG B 139 -29.11 20.54 2.31
N ASP B 140 -28.58 19.31 2.22
CA ASP B 140 -27.63 18.87 3.22
C ASP B 140 -26.35 18.18 2.69
N LEU B 141 -25.78 18.76 1.67
CA LEU B 141 -24.61 18.17 1.04
C LEU B 141 -23.35 18.27 1.98
N ALA B 142 -22.69 17.12 2.16
CA ALA B 142 -21.62 16.93 3.15
C ALA B 142 -21.16 15.49 3.04
N ALA B 143 -19.96 15.21 3.49
CA ALA B 143 -19.38 13.87 3.31
C ALA B 143 -20.16 12.79 4.09
N ARG B 144 -20.81 13.19 5.18
CA ARG B 144 -21.64 12.27 5.98
C ARG B 144 -22.86 11.81 5.23
N ASN B 145 -23.23 12.53 4.14
CA ASN B 145 -24.38 12.12 3.31
C ASN B 145 -24.01 11.48 1.98
N CYS B 146 -22.78 11.05 1.86
CA CYS B 146 -22.28 10.34 0.71
C CYS B 146 -21.90 8.91 1.15
N LEU B 147 -21.93 8.00 0.18
CA LEU B 147 -21.66 6.60 0.43
C LEU B 147 -20.58 6.12 -0.47
N VAL B 148 -19.83 5.12 -0.01
CA VAL B 148 -18.70 4.60 -0.77
C VAL B 148 -18.91 3.10 -1.06
N GLY B 149 -18.61 2.72 -2.29
CA GLY B 149 -18.63 1.33 -2.71
C GLY B 149 -17.26 0.83 -3.12
N GLU B 150 -17.27 -0.21 -3.99
CA GLU B 150 -16.05 -0.83 -4.50
C GLU B 150 -15.37 0.10 -5.46
N ASN B 151 -14.03 0.05 -5.49
CA ASN B 151 -13.30 0.79 -6.47
C ASN B 151 -13.67 2.26 -6.42
N HIS B 152 -13.97 2.72 -5.22
CA HIS B 152 -14.03 4.13 -4.92
C HIS B 152 -15.23 4.79 -5.57
N LEU B 153 -16.31 4.02 -5.64
CA LEU B 153 -17.53 4.51 -6.21
C LEU B 153 -18.14 5.34 -5.09
N VAL B 154 -18.61 6.53 -5.44
CA VAL B 154 -19.24 7.42 -4.47
C VAL B 154 -20.61 7.82 -4.95
N LYS B 155 -21.60 7.79 -4.07
CA LYS B 155 -22.93 8.24 -4.39
C LYS B 155 -23.38 9.24 -3.35
N VAL B 156 -24.22 10.15 -3.79
CA VAL B 156 -24.81 11.14 -2.98
C VAL B 156 -26.13 10.61 -2.47
N ALA B 157 -26.41 10.92 -1.22
CA ALA B 157 -27.63 10.48 -0.53
C ALA B 157 -28.05 11.60 0.38
N ASP B 158 -29.11 11.37 1.15
CA ASP B 158 -29.60 12.28 2.17
C ASP B 158 -30.23 11.46 3.32
N PHE B 159 -29.58 11.46 4.49
CA PHE B 159 -29.96 10.69 5.68
C PHE B 159 -30.60 11.57 6.75
N GLY B 160 -30.74 12.85 6.46
CA GLY B 160 -31.05 13.87 7.47
C GLY B 160 -30.43 15.19 7.00
N PRO B 179 -26.73 22.59 9.96
CA PRO B 179 -25.25 22.35 9.91
C PRO B 179 -24.48 23.61 9.44
N ILE B 180 -24.34 24.59 10.36
CA ILE B 180 -23.82 25.96 10.09
C ILE B 180 -22.60 26.00 9.19
N LYS B 181 -21.67 25.11 9.48
CA LYS B 181 -20.36 25.08 8.79
C LYS B 181 -20.43 24.63 7.35
N TRP B 182 -21.51 23.98 6.94
CA TRP B 182 -21.77 23.66 5.51
C TRP B 182 -22.72 24.62 4.84
N THR B 183 -23.20 25.60 5.58
CA THR B 183 -24.35 26.44 5.13
C THR B 183 -23.94 27.79 4.51
N ALA B 184 -24.50 28.08 3.35
CA ALA B 184 -24.18 29.28 2.64
C ALA B 184 -24.68 30.50 3.43
N PRO B 185 -23.99 31.61 3.35
CA PRO B 185 -24.38 32.80 4.14
C PRO B 185 -25.83 33.27 3.96
N GLU B 186 -26.34 33.24 2.75
CA GLU B 186 -27.68 33.70 2.49
C GLU B 186 -28.70 32.76 3.12
N SER B 187 -28.34 31.48 3.31
CA SER B 187 -29.21 30.49 3.97
C SER B 187 -29.23 30.75 5.45
N LEU B 188 -28.07 31.09 6.01
CA LEU B 188 -27.97 31.41 7.45
C LEU B 188 -28.71 32.70 7.78
N ALA B 189 -28.58 33.70 6.92
CA ALA B 189 -29.09 34.99 7.21
C ALA B 189 -30.55 35.12 6.89
N TYR B 190 -30.96 34.61 5.74
CA TYR B 190 -32.31 34.90 5.21
C TYR B 190 -33.10 33.65 4.92
N ASN B 191 -32.60 32.51 5.33
CA ASN B 191 -33.18 31.24 4.91
C ASN B 191 -33.41 31.12 3.39
N LYS B 192 -32.55 31.68 2.56
CA LYS B 192 -32.64 31.47 1.15
C LYS B 192 -31.75 30.24 0.86
N PHE B 193 -32.41 29.17 0.43
CA PHE B 193 -31.76 27.98 -0.12
C PHE B 193 -31.99 27.88 -1.61
N SER B 194 -30.93 27.53 -2.35
CA SER B 194 -30.98 27.29 -3.81
C SER B 194 -29.85 26.31 -4.23
N ILE B 195 -29.77 26.08 -5.53
CA ILE B 195 -28.69 25.28 -6.06
C ILE B 195 -27.29 25.90 -5.71
N LYS B 196 -27.22 27.21 -5.76
CA LYS B 196 -26.04 27.96 -5.40
C LYS B 196 -25.66 27.73 -3.96
N SER B 197 -26.62 27.44 -3.09
CA SER B 197 -26.27 27.14 -1.71
C SER B 197 -25.74 25.72 -1.59
N ASP B 198 -26.21 24.80 -2.45
CA ASP B 198 -25.58 23.51 -2.56
C ASP B 198 -24.14 23.63 -3.08
N VAL B 199 -23.93 24.52 -4.03
CA VAL B 199 -22.58 24.77 -4.54
C VAL B 199 -21.65 25.12 -3.39
N TRP B 200 -22.04 26.07 -2.52
CA TRP B 200 -21.27 26.43 -1.30
C TRP B 200 -20.95 25.23 -0.47
N ALA B 201 -21.96 24.41 -0.24
CA ALA B 201 -21.81 23.20 0.54
C ALA B 201 -20.84 22.19 -0.14
N PHE B 202 -20.85 22.14 -1.47
CA PHE B 202 -19.91 21.29 -2.19
C PHE B 202 -18.45 21.71 -1.95
N GLY B 203 -18.20 23.03 -1.91
CA GLY B 203 -16.88 23.53 -1.55
C GLY B 203 -16.40 23.07 -0.15
N VAL B 204 -17.26 23.09 0.85
CA VAL B 204 -16.90 22.55 2.18
C VAL B 204 -16.64 21.05 2.09
N LEU B 205 -17.44 20.35 1.28
CA LEU B 205 -17.23 18.91 1.05
C LEU B 205 -15.89 18.62 0.40
N LEU B 206 -15.48 19.44 -0.59
CA LEU B 206 -14.13 19.37 -1.13
C LEU B 206 -13.04 19.47 -0.10
N TRP B 207 -13.22 20.37 0.84
CA TRP B 207 -12.30 20.53 1.96
C TRP B 207 -12.31 19.29 2.91
N GLU B 208 -13.49 18.72 3.15
CA GLU B 208 -13.58 17.45 3.87
C GLU B 208 -12.78 16.33 3.20
N ILE B 209 -12.89 16.25 1.88
CA ILE B 209 -12.13 15.30 1.10
C ILE B 209 -10.63 15.57 1.21
N ALA B 210 -10.23 16.80 0.89
CA ALA B 210 -8.84 17.19 0.85
C ALA B 210 -8.12 16.96 2.18
N THR B 211 -8.83 17.05 3.30
CA THR B 211 -8.25 16.82 4.63
C THR B 211 -8.54 15.40 5.17
N TYR B 212 -9.14 14.53 4.36
CA TYR B 212 -9.48 13.16 4.77
C TYR B 212 -10.40 13.15 5.98
N GLY B 213 -11.32 14.11 6.04
CA GLY B 213 -12.40 14.04 6.96
C GLY B 213 -12.24 14.82 8.26
N MET B 214 -11.45 15.89 8.23
CA MET B 214 -11.46 16.89 9.28
C MET B 214 -12.77 17.65 9.29
N SER B 215 -13.04 18.21 10.46
CA SER B 215 -14.21 19.01 10.72
C SER B 215 -13.88 20.44 10.29
N PRO B 216 -14.77 21.07 9.52
CA PRO B 216 -14.51 22.44 8.98
C PRO B 216 -14.32 23.53 10.05
N TYR B 217 -13.59 24.56 9.69
CA TYR B 217 -13.29 25.67 10.58
C TYR B 217 -12.83 25.12 11.94
N PRO B 218 -11.85 24.22 11.95
CA PRO B 218 -11.41 23.59 13.19
C PRO B 218 -11.03 24.64 14.20
N GLY B 219 -11.61 24.52 15.36
CA GLY B 219 -11.26 25.37 16.49
C GLY B 219 -12.05 26.64 16.52
N ILE B 220 -12.77 27.00 15.45
CA ILE B 220 -13.53 28.23 15.48
C ILE B 220 -14.91 28.06 16.12
N ASP B 221 -15.20 28.95 17.02
CA ASP B 221 -16.48 29.00 17.69
C ASP B 221 -17.59 29.23 16.66
N LEU B 222 -18.63 28.40 16.68
CA LEU B 222 -19.72 28.50 15.67
C LEU B 222 -20.36 29.84 15.58
N SER B 223 -20.48 30.51 16.72
CA SER B 223 -21.08 31.80 16.77
C SER B 223 -20.31 32.85 15.91
N GLN B 224 -19.10 32.52 15.51
CA GLN B 224 -18.25 33.47 14.83
C GLN B 224 -18.25 33.31 13.32
N VAL B 225 -18.75 32.16 12.80
CA VAL B 225 -18.53 31.81 11.38
C VAL B 225 -19.12 32.85 10.41
N TYR B 226 -20.35 33.27 10.67
CA TYR B 226 -21.05 34.14 9.74
C TYR B 226 -20.28 35.43 9.60
N GLU B 227 -19.94 36.04 10.75
CA GLU B 227 -19.27 37.33 10.70
C GLU B 227 -17.92 37.20 10.06
N LEU B 228 -17.23 36.09 10.31
CA LEU B 228 -15.94 35.82 9.62
C LEU B 228 -16.06 35.74 8.10
N LEU B 229 -17.04 34.98 7.63
CA LEU B 229 -17.32 34.84 6.23
C LEU B 229 -17.67 36.16 5.60
N GLU B 230 -18.45 36.96 6.31
CA GLU B 230 -18.89 38.29 5.86
C GLU B 230 -17.73 39.30 5.62
N LYS B 231 -16.63 39.08 6.34
CA LYS B 231 -15.45 39.89 6.25
C LYS B 231 -14.33 39.16 5.51
N ASP B 232 -14.68 38.19 4.69
CA ASP B 232 -13.81 37.51 3.70
C ASP B 232 -12.89 36.42 4.24
N TYR B 233 -13.04 36.07 5.52
CA TYR B 233 -12.34 34.90 6.04
C TYR B 233 -12.80 33.68 5.24
N ARG B 234 -11.87 32.80 4.84
CA ARG B 234 -12.21 31.50 4.25
C ARG B 234 -11.21 30.51 4.75
N MET B 235 -11.59 29.25 4.89
CA MET B 235 -10.59 28.20 5.12
C MET B 235 -9.41 28.27 4.12
N GLU B 236 -8.22 28.09 4.72
CA GLU B 236 -6.94 27.93 4.05
C GLU B 236 -6.85 26.66 3.22
N ARG B 237 -5.99 26.67 2.22
CA ARG B 237 -5.77 25.46 1.40
C ARG B 237 -5.15 24.34 2.22
N PRO B 238 -5.78 23.16 2.31
CA PRO B 238 -5.21 22.06 3.09
C PRO B 238 -3.89 21.54 2.52
N GLU B 239 -3.06 20.93 3.37
CA GLU B 239 -1.74 20.44 2.96
C GLU B 239 -1.95 19.45 1.88
N GLY B 240 -1.21 19.57 0.80
CA GLY B 240 -1.38 18.62 -0.32
C GLY B 240 -2.51 18.88 -1.32
N CYS B 241 -3.42 19.82 -1.03
CA CYS B 241 -4.55 20.08 -1.92
C CYS B 241 -4.04 20.79 -3.17
N PRO B 242 -4.28 20.30 -4.38
CA PRO B 242 -3.81 21.05 -5.57
C PRO B 242 -4.42 22.44 -5.62
N GLU B 243 -3.66 23.39 -6.13
CA GLU B 243 -4.08 24.76 -6.23
C GLU B 243 -5.34 24.98 -7.09
N LYS B 244 -5.58 24.09 -8.06
CA LYS B 244 -6.76 24.18 -8.90
C LYS B 244 -7.93 23.73 -8.14
N VAL B 245 -7.76 22.69 -7.34
CA VAL B 245 -8.84 22.25 -6.50
C VAL B 245 -9.19 23.35 -5.47
N TYR B 246 -8.19 23.97 -4.86
CA TYR B 246 -8.47 25.04 -3.89
C TYR B 246 -9.15 26.23 -4.58
N GLU B 247 -8.71 26.57 -5.79
CA GLU B 247 -9.30 27.73 -6.49
C GLU B 247 -10.81 27.48 -6.76
N LEU B 248 -11.18 26.22 -7.00
CA LEU B 248 -12.58 25.83 -7.21
C LEU B 248 -13.37 25.87 -5.91
N MET B 249 -12.77 25.40 -4.81
CA MET B 249 -13.32 25.59 -3.45
C MET B 249 -13.69 27.04 -3.20
N ARG B 250 -12.72 27.88 -3.42
CA ARG B 250 -12.85 29.30 -3.22
C ARG B 250 -13.93 29.97 -4.09
N ALA B 251 -14.04 29.50 -5.33
CA ALA B 251 -15.10 29.95 -6.19
C ALA B 251 -16.49 29.52 -5.64
N CYS B 252 -16.54 28.32 -5.06
CA CYS B 252 -17.79 27.79 -4.49
C CYS B 252 -18.19 28.62 -3.26
N TRP B 253 -17.22 29.34 -2.69
CA TRP B 253 -17.42 30.12 -1.49
C TRP B 253 -17.41 31.64 -1.78
N GLN B 254 -17.77 32.03 -3.00
CA GLN B 254 -18.06 33.43 -3.29
C GLN B 254 -19.32 33.85 -2.53
N TRP B 255 -19.30 35.06 -1.96
CA TRP B 255 -20.35 35.51 -1.10
C TRP B 255 -21.65 35.63 -1.87
N ASN B 256 -21.55 36.19 -3.07
CA ASN B 256 -22.72 36.38 -3.91
C ASN B 256 -23.02 35.04 -4.67
N PRO B 257 -24.20 34.45 -4.43
CA PRO B 257 -24.55 33.18 -5.00
C PRO B 257 -24.40 33.10 -6.49
N SER B 258 -24.73 34.20 -7.18
CA SER B 258 -24.67 34.18 -8.62
C SER B 258 -23.23 34.23 -9.13
N ASP B 259 -22.26 34.55 -8.27
CA ASP B 259 -20.83 34.44 -8.65
C ASP B 259 -20.26 33.02 -8.53
N ARG B 260 -21.01 32.10 -7.94
CA ARG B 260 -20.50 30.76 -7.75
C ARG B 260 -20.73 30.00 -9.04
N PRO B 261 -19.84 29.09 -9.39
CA PRO B 261 -20.04 28.32 -10.58
C PRO B 261 -21.20 27.37 -10.46
N SER B 262 -21.69 26.88 -11.59
CA SER B 262 -22.76 25.91 -11.57
C SER B 262 -22.12 24.54 -11.40
N PHE B 263 -22.93 23.55 -11.13
CA PHE B 263 -22.43 22.24 -11.06
C PHE B 263 -22.02 21.67 -12.40
N ALA B 264 -22.60 22.17 -13.49
CA ALA B 264 -22.14 21.79 -14.83
C ALA B 264 -20.70 22.19 -15.00
N GLU B 265 -20.38 23.43 -14.65
CA GLU B 265 -19.01 23.90 -14.76
C GLU B 265 -18.05 23.22 -13.74
N ILE B 266 -18.48 22.99 -12.51
CA ILE B 266 -17.63 22.30 -11.54
C ILE B 266 -17.31 20.88 -12.04
N HIS B 267 -18.34 20.19 -12.52
CA HIS B 267 -18.12 18.84 -12.99
C HIS B 267 -17.13 18.82 -14.18
N GLN B 268 -17.29 19.74 -15.10
CA GLN B 268 -16.38 19.81 -16.21
C GLN B 268 -14.94 20.04 -15.73
N ALA B 269 -14.74 20.89 -14.70
CA ALA B 269 -13.39 21.24 -14.28
C ALA B 269 -12.76 20.02 -13.61
N PHE B 270 -13.55 19.32 -12.81
CA PHE B 270 -13.05 18.11 -12.17
C PHE B 270 -12.81 16.97 -13.19
N GLU B 271 -13.65 16.90 -14.23
CA GLU B 271 -13.49 15.88 -15.22
C GLU B 271 -12.19 16.05 -15.98
N THR B 272 -11.96 17.27 -16.46
CA THR B 272 -10.69 17.64 -17.07
C THR B 272 -9.47 17.31 -16.16
N MET B 273 -9.56 17.66 -14.89
CA MET B 273 -8.44 17.36 -13.98
C MET B 273 -8.24 15.88 -13.72
N PHE B 274 -9.32 15.17 -13.54
CA PHE B 274 -9.25 13.75 -13.32
C PHE B 274 -8.70 13.09 -14.60
N GLN B 275 -9.13 13.52 -15.78
CA GLN B 275 -8.74 12.88 -17.03
C GLN B 275 -7.25 13.14 -17.32
N GLU B 276 -6.73 14.24 -16.79
CA GLU B 276 -5.38 14.62 -17.03
C GLU B 276 -4.39 14.03 -16.00
N SER B 277 -4.90 13.37 -14.96
CA SER B 277 -4.06 12.82 -13.88
C SER B 277 -3.69 11.33 -13.98
N TYR C 9 -24.89 -17.72 59.50
CA TYR C 9 -23.43 -17.58 59.12
C TYR C 9 -23.23 -16.60 57.95
N ASP C 10 -22.42 -15.56 58.17
CA ASP C 10 -22.23 -14.44 57.21
C ASP C 10 -20.78 -13.96 57.29
N LYS C 11 -20.00 -14.31 56.27
CA LYS C 11 -18.62 -13.90 56.15
C LYS C 11 -18.42 -12.36 56.13
N TRP C 12 -19.49 -11.59 55.91
CA TRP C 12 -19.34 -10.15 55.81
C TRP C 12 -19.31 -9.45 57.13
N GLU C 13 -19.85 -10.12 58.16
CA GLU C 13 -19.97 -9.53 59.49
C GLU C 13 -18.59 -9.34 60.07
N MET C 14 -18.30 -8.12 60.50
CA MET C 14 -16.97 -7.85 61.02
C MET C 14 -17.00 -7.42 62.47
N GLU C 15 -15.82 -7.42 63.07
CA GLU C 15 -15.67 -7.05 64.46
C GLU C 15 -15.63 -5.51 64.56
N ARG C 16 -16.64 -4.97 65.21
CA ARG C 16 -16.81 -3.54 65.29
C ARG C 16 -15.68 -2.82 66.02
N THR C 17 -15.02 -3.53 66.94
CA THR C 17 -13.89 -2.96 67.67
C THR C 17 -12.59 -2.97 66.89
N ASP C 18 -12.60 -3.48 65.67
CA ASP C 18 -11.51 -3.31 64.71
C ASP C 18 -11.58 -1.99 63.93
N ILE C 19 -12.67 -1.26 64.10
CA ILE C 19 -12.93 -0.04 63.37
C ILE C 19 -12.83 1.14 64.35
N THR C 20 -12.05 2.13 64.03
CA THR C 20 -12.07 3.40 64.77
C THR C 20 -12.97 4.35 64.02
N MET C 21 -14.04 4.80 64.66
CA MET C 21 -14.90 5.85 64.13
C MET C 21 -14.25 7.20 64.41
N LYS C 22 -14.19 8.07 63.41
CA LYS C 22 -13.58 9.35 63.65
C LYS C 22 -14.63 10.45 63.76
N HIS C 23 -15.15 10.86 62.60
CA HIS C 23 -16.10 11.96 62.50
C HIS C 23 -16.91 11.79 61.19
N LYS C 24 -18.08 12.44 61.14
CA LYS C 24 -18.98 12.36 59.95
C LYS C 24 -18.26 13.01 58.81
N LEU C 25 -18.40 12.45 57.63
CA LEU C 25 -17.62 12.85 56.46
C LEU C 25 -17.79 14.27 55.94
N GLY C 26 -18.91 14.88 56.19
CA GLY C 26 -19.20 16.05 55.40
C GLY C 26 -20.63 15.91 55.04
N GLY C 27 -21.43 16.47 55.95
CA GLY C 27 -22.84 16.12 56.11
C GLY C 27 -23.76 16.52 54.97
N GLY C 28 -23.34 17.51 54.18
CA GLY C 28 -24.17 18.01 53.09
C GLY C 28 -23.96 17.10 51.91
N GLN C 29 -22.70 16.88 51.57
CA GLN C 29 -22.36 16.04 50.41
C GLN C 29 -22.86 14.59 50.57
N TYR C 30 -22.85 14.01 51.78
CA TYR C 30 -22.99 12.51 51.91
C TYR C 30 -23.97 11.84 52.90
N GLY C 31 -24.46 12.49 53.97
CA GLY C 31 -25.36 11.75 54.90
C GLY C 31 -24.84 11.30 56.30
N GLU C 32 -25.42 10.22 56.86
CA GLU C 32 -24.94 9.64 58.15
C GLU C 32 -23.73 8.68 57.93
N VAL C 33 -22.69 9.25 57.31
CA VAL C 33 -21.56 8.48 56.91
C VAL C 33 -20.35 9.06 57.63
N TYR C 34 -19.50 8.18 58.14
CA TYR C 34 -18.35 8.56 58.93
C TYR C 34 -17.08 8.15 58.29
N GLU C 35 -16.04 8.87 58.58
CA GLU C 35 -14.73 8.45 58.27
C GLU C 35 -14.29 7.58 59.44
N GLY C 36 -13.79 6.39 59.12
CA GLY C 36 -13.25 5.44 60.11
C GLY C 36 -11.91 4.88 59.66
N VAL C 37 -11.26 4.13 60.53
CA VAL C 37 -10.02 3.46 60.17
C VAL C 37 -10.14 2.01 60.60
N TRP C 38 -9.79 1.12 59.69
CA TRP C 38 -9.72 -0.30 59.98
C TRP C 38 -8.31 -0.49 60.46
N LYS C 39 -8.14 -0.59 61.76
CA LYS C 39 -6.82 -0.40 62.34
C LYS C 39 -5.78 -1.43 61.94
N LYS C 40 -6.21 -2.67 61.83
CA LYS C 40 -5.37 -3.81 61.49
C LYS C 40 -4.62 -3.55 60.21
N TYR C 41 -5.24 -2.78 59.29
CA TYR C 41 -4.64 -2.45 58.01
C TYR C 41 -4.26 -0.99 57.85
N SER C 42 -4.43 -0.17 58.88
CA SER C 42 -4.23 1.24 58.72
C SER C 42 -5.05 1.82 57.56
N LEU C 43 -6.25 1.31 57.37
CA LEU C 43 -7.00 1.58 56.18
C LEU C 43 -8.17 2.50 56.50
N THR C 44 -8.18 3.71 55.93
CA THR C 44 -9.32 4.59 56.01
C THR C 44 -10.49 3.98 55.30
N VAL C 45 -11.66 4.03 55.93
CA VAL C 45 -12.88 3.46 55.40
C VAL C 45 -14.02 4.47 55.59
N ALA C 46 -15.10 4.27 54.81
CA ALA C 46 -16.36 4.96 55.02
C ALA C 46 -17.37 4.02 55.70
N VAL C 47 -18.08 4.54 56.68
CA VAL C 47 -18.97 3.74 57.49
C VAL C 47 -20.32 4.44 57.57
N LYS C 48 -21.32 3.83 56.94
CA LYS C 48 -22.68 4.29 56.96
C LYS C 48 -23.35 3.68 58.17
N THR C 49 -23.98 4.53 58.95
CA THR C 49 -24.75 4.04 60.07
C THR C 49 -26.16 4.63 60.07
N LEU C 50 -26.89 4.45 61.13
CA LEU C 50 -28.35 4.58 61.07
C LEU C 50 -28.83 5.74 61.92
N GLU C 56 -36.83 2.79 59.98
CA GLU C 56 -35.92 2.75 58.83
C GLU C 56 -34.86 1.65 58.86
N VAL C 57 -34.98 0.71 59.79
CA VAL C 57 -34.04 -0.42 59.93
C VAL C 57 -34.12 -1.43 58.79
N GLU C 58 -35.31 -1.65 58.26
CA GLU C 58 -35.51 -2.56 57.13
C GLU C 58 -34.78 -2.04 55.89
N GLU C 59 -34.93 -0.76 55.58
CA GLU C 59 -34.27 -0.14 54.42
C GLU C 59 -32.73 -0.28 54.52
N PHE C 60 -32.17 0.00 55.70
CA PHE C 60 -30.72 -0.13 55.94
C PHE C 60 -30.24 -1.56 55.65
N LEU C 61 -30.98 -2.56 56.16
CA LEU C 61 -30.56 -3.97 56.04
C LEU C 61 -30.76 -4.48 54.63
N LYS C 62 -31.74 -3.92 53.93
CA LYS C 62 -31.92 -4.21 52.53
C LYS C 62 -30.76 -3.64 51.72
N GLU C 63 -30.36 -2.42 52.04
CA GLU C 63 -29.18 -1.83 51.38
C GLU C 63 -27.92 -2.70 51.54
N ALA C 64 -27.71 -3.19 52.77
CA ALA C 64 -26.59 -4.08 53.10
C ALA C 64 -26.65 -5.37 52.28
N ALA C 65 -27.83 -6.00 52.24
CA ALA C 65 -28.01 -7.23 51.47
C ALA C 65 -27.73 -7.03 50.00
N VAL C 66 -28.25 -5.96 49.41
CA VAL C 66 -27.96 -5.64 48.00
C VAL C 66 -26.44 -5.47 47.74
N MET C 67 -25.79 -4.67 48.56
CA MET C 67 -24.33 -4.48 48.39
C MET C 67 -23.51 -5.77 48.47
N LYS C 68 -23.95 -6.74 49.28
CA LYS C 68 -23.31 -8.07 49.25
C LYS C 68 -23.35 -8.75 47.86
N GLU C 69 -24.34 -8.43 47.02
CA GLU C 69 -24.51 -9.13 45.72
C GLU C 69 -23.78 -8.46 44.54
N ILE C 70 -23.37 -7.21 44.70
CA ILE C 70 -22.74 -6.47 43.58
C ILE C 70 -21.29 -6.20 43.86
N LYS C 71 -20.45 -6.47 42.86
CA LYS C 71 -19.03 -6.43 42.98
C LYS C 71 -18.53 -6.08 41.58
N HIS C 72 -17.78 -5.00 41.46
CA HIS C 72 -17.22 -4.58 40.19
C HIS C 72 -16.09 -3.54 40.46
N PRO C 73 -15.05 -3.53 39.61
CA PRO C 73 -13.96 -2.58 39.78
C PRO C 73 -14.40 -1.12 39.89
N ASN C 74 -15.54 -0.75 39.29
CA ASN C 74 -16.03 0.60 39.24
C ASN C 74 -17.34 0.83 39.97
N LEU C 75 -17.61 -0.05 40.94
CA LEU C 75 -18.68 0.14 41.92
C LEU C 75 -18.02 0.17 43.26
N VAL C 76 -18.46 1.08 44.11
CA VAL C 76 -17.90 1.20 45.45
C VAL C 76 -17.96 -0.14 46.21
N GLN C 77 -16.82 -0.55 46.75
CA GLN C 77 -16.65 -1.89 47.28
C GLN C 77 -17.02 -1.97 48.75
N LEU C 78 -18.05 -2.76 49.04
CA LEU C 78 -18.39 -3.23 50.38
C LEU C 78 -17.19 -3.91 50.99
N LEU C 79 -16.85 -3.55 52.24
CA LEU C 79 -15.80 -4.30 52.95
C LEU C 79 -16.36 -5.19 54.07
N GLY C 80 -17.48 -4.79 54.67
CA GLY C 80 -18.03 -5.51 55.78
C GLY C 80 -19.28 -4.83 56.31
N VAL C 81 -19.94 -5.51 57.21
CA VAL C 81 -21.03 -4.94 57.98
C VAL C 81 -20.88 -5.29 59.46
N CYS C 82 -21.65 -4.57 60.27
CA CYS C 82 -21.83 -4.83 61.68
C CYS C 82 -23.35 -4.75 61.87
N THR C 83 -24.03 -5.88 61.67
CA THR C 83 -25.49 -5.86 61.80
C THR C 83 -26.03 -6.98 62.69
N ARG C 84 -25.27 -7.35 63.72
CA ARG C 84 -25.70 -8.36 64.70
C ARG C 84 -26.40 -7.66 65.86
N GLU C 85 -26.07 -6.38 66.07
CA GLU C 85 -26.63 -5.55 67.13
C GLU C 85 -26.30 -4.08 66.83
N PRO C 86 -26.96 -3.11 67.48
CA PRO C 86 -26.73 -1.71 67.13
C PRO C 86 -25.41 -1.21 67.70
N PRO C 87 -24.87 -0.10 67.20
CA PRO C 87 -25.30 0.48 65.93
C PRO C 87 -24.86 -0.31 64.67
N PHE C 88 -25.75 -0.36 63.71
CA PHE C 88 -25.53 -1.03 62.47
C PHE C 88 -24.64 -0.21 61.57
N TYR C 89 -23.64 -0.88 61.00
CA TYR C 89 -22.68 -0.29 60.09
C TYR C 89 -22.66 -0.97 58.77
N ILE C 90 -22.51 -0.16 57.73
CA ILE C 90 -22.09 -0.65 56.42
C ILE C 90 -20.75 0.00 56.11
N ILE C 91 -19.72 -0.80 55.89
CA ILE C 91 -18.37 -0.32 55.75
C ILE C 91 -17.91 -0.54 54.31
N THR C 92 -17.46 0.55 53.69
CA THR C 92 -16.83 0.50 52.37
C THR C 92 -15.45 1.12 52.36
N GLU C 93 -14.79 0.89 51.23
CA GLU C 93 -13.62 1.64 50.89
C GLU C 93 -13.89 3.14 50.95
N PHE C 94 -12.79 3.86 51.18
CA PHE C 94 -12.75 5.31 51.19
C PHE C 94 -12.03 5.76 49.92
N MET C 95 -12.69 6.62 49.16
CA MET C 95 -12.11 7.09 47.88
C MET C 95 -11.40 8.44 48.16
N THR C 96 -10.09 8.45 48.08
CA THR C 96 -9.27 9.65 48.47
C THR C 96 -9.77 11.00 48.04
N TYR C 97 -10.21 11.09 46.79
CA TYR C 97 -10.53 12.41 46.21
C TYR C 97 -11.98 12.79 46.26
N GLY C 98 -12.80 12.02 46.94
CA GLY C 98 -14.19 12.38 47.13
C GLY C 98 -15.09 12.33 45.91
N ASN C 99 -16.24 13.02 45.97
CA ASN C 99 -17.23 12.95 44.89
C ASN C 99 -16.71 13.61 43.58
N LEU C 100 -17.13 13.01 42.46
CA LEU C 100 -16.70 13.42 41.14
C LEU C 100 -17.10 14.86 40.77
N LEU C 101 -18.27 15.30 41.22
CA LEU C 101 -18.79 16.63 40.87
C LEU C 101 -17.83 17.70 41.35
N ASP C 102 -17.51 17.65 42.64
CA ASP C 102 -16.56 18.56 43.22
C ASP C 102 -15.16 18.37 42.69
N TYR C 103 -14.76 17.13 42.44
CA TYR C 103 -13.47 16.83 41.90
C TYR C 103 -13.34 17.53 40.57
N LEU C 104 -14.35 17.42 39.70
CA LEU C 104 -14.31 18.08 38.40
C LEU C 104 -14.26 19.59 38.52
N ARG C 105 -15.08 20.16 39.39
CA ARG C 105 -15.08 21.64 39.59
C ARG C 105 -13.75 22.18 40.11
N GLU C 106 -13.06 21.37 40.90
CA GLU C 106 -11.87 21.76 41.61
C GLU C 106 -10.56 21.31 40.95
N CYS C 107 -10.60 20.50 39.89
CA CYS C 107 -9.37 19.90 39.38
C CYS C 107 -8.45 20.88 38.54
N ASN C 108 -7.21 20.42 38.38
CA ASN C 108 -6.25 20.93 37.41
C ASN C 108 -6.60 20.29 36.07
N ARG C 109 -7.25 21.06 35.23
CA ARG C 109 -7.75 20.55 33.95
C ARG C 109 -6.66 20.16 32.98
N GLN C 110 -5.43 20.65 33.18
CA GLN C 110 -4.33 20.21 32.35
C GLN C 110 -3.95 18.75 32.68
N GLU C 111 -4.15 18.34 33.93
CA GLU C 111 -3.97 16.97 34.39
C GLU C 111 -5.23 16.15 34.04
N VAL C 112 -6.39 16.68 34.41
CA VAL C 112 -7.65 16.02 34.13
C VAL C 112 -8.15 16.47 32.75
N ASN C 113 -7.39 16.05 31.74
CA ASN C 113 -7.62 16.48 30.39
C ASN C 113 -8.61 15.56 29.69
N ALA C 114 -8.76 15.82 28.40
CA ALA C 114 -9.67 15.08 27.53
C ALA C 114 -9.46 13.56 27.51
N VAL C 115 -8.22 13.13 27.56
CA VAL C 115 -7.92 11.72 27.71
C VAL C 115 -8.47 11.16 29.03
N VAL C 116 -8.35 11.96 30.11
CA VAL C 116 -8.84 11.52 31.42
C VAL C 116 -10.35 11.48 31.48
N LEU C 117 -11.00 12.50 30.89
CA LEU C 117 -12.46 12.55 30.88
C LEU C 117 -13.09 11.33 30.18
N LEU C 118 -12.54 10.95 29.04
CA LEU C 118 -12.96 9.71 28.38
C LEU C 118 -12.73 8.45 29.22
N TYR C 119 -11.61 8.39 29.92
CA TYR C 119 -11.33 7.29 30.82
C TYR C 119 -12.36 7.27 31.93
N MET C 120 -12.71 8.44 32.46
CA MET C 120 -13.74 8.49 33.47
C MET C 120 -15.10 8.00 32.96
N ALA C 121 -15.55 8.51 31.83
CA ALA C 121 -16.81 8.05 31.22
C ALA C 121 -16.77 6.55 30.97
N THR C 122 -15.64 6.06 30.50
CA THR C 122 -15.48 4.61 30.23
C THR C 122 -15.67 3.74 31.48
N GLN C 123 -15.07 4.16 32.59
CA GLN C 123 -15.21 3.41 33.84
C GLN C 123 -16.67 3.38 34.29
N ILE C 124 -17.33 4.54 34.23
CA ILE C 124 -18.70 4.63 34.64
C ILE C 124 -19.57 3.75 33.73
N SER C 125 -19.35 3.83 32.42
CA SER C 125 -20.10 2.92 31.52
C SER C 125 -19.84 1.42 31.84
N SER C 126 -18.66 1.08 32.31
CA SER C 126 -18.37 -0.31 32.65
C SER C 126 -19.22 -0.77 33.83
N ALA C 127 -19.34 0.09 34.84
CA ALA C 127 -20.13 -0.25 36.02
C ALA C 127 -21.60 -0.39 35.66
N MET C 128 -22.08 0.51 34.81
CA MET C 128 -23.46 0.52 34.43
C MET C 128 -23.81 -0.67 33.54
N GLU C 129 -22.86 -1.11 32.71
CA GLU C 129 -22.99 -2.33 31.89
C GLU C 129 -23.14 -3.54 32.81
N TYR C 130 -22.29 -3.63 33.84
CA TYR C 130 -22.44 -4.68 34.88
C TYR C 130 -23.82 -4.64 35.52
N LEU C 131 -24.28 -3.46 35.92
CA LEU C 131 -25.59 -3.35 36.54
C LEU C 131 -26.69 -3.81 35.58
N GLU C 132 -26.49 -3.52 34.30
CA GLU C 132 -27.37 -3.92 33.20
C GLU C 132 -27.45 -5.44 33.07
N LYS C 133 -26.30 -6.12 32.97
CA LYS C 133 -26.24 -7.60 33.05
C LYS C 133 -27.09 -8.17 34.21
N LYS C 134 -27.02 -7.56 35.38
CA LYS C 134 -27.82 -7.99 36.55
C LYS C 134 -29.25 -7.40 36.58
N ASN C 135 -29.67 -6.66 35.55
CA ASN C 135 -30.98 -6.01 35.55
C ASN C 135 -31.20 -5.17 36.81
N PHE C 136 -30.19 -4.39 37.19
CA PHE C 136 -30.28 -3.52 38.36
C PHE C 136 -30.53 -2.11 37.87
N ILE C 137 -31.58 -1.46 38.37
CA ILE C 137 -31.85 -0.05 38.06
C ILE C 137 -31.20 0.83 39.11
N HIS C 138 -30.30 1.74 38.71
CA HIS C 138 -29.60 2.58 39.70
C HIS C 138 -30.55 3.65 40.24
N ARG C 139 -31.22 4.37 39.33
CA ARG C 139 -32.25 5.39 39.65
C ARG C 139 -31.76 6.81 40.02
N ASP C 140 -30.48 6.97 40.30
CA ASP C 140 -30.02 8.31 40.63
C ASP C 140 -28.60 8.55 40.15
N LEU C 141 -28.33 8.13 38.92
CA LEU C 141 -27.03 8.35 38.33
C LEU C 141 -26.75 9.84 38.00
N ALA C 142 -25.66 10.34 38.56
CA ALA C 142 -25.19 11.72 38.43
C ALA C 142 -23.76 11.83 39.02
N ALA C 143 -23.07 12.92 38.71
CA ALA C 143 -21.67 13.07 39.15
C ALA C 143 -21.59 13.08 40.65
N ARG C 144 -22.58 13.67 41.33
CA ARG C 144 -22.59 13.71 42.81
C ARG C 144 -22.60 12.32 43.42
N ASN C 145 -22.99 11.31 42.66
CA ASN C 145 -23.03 9.93 43.17
C ASN C 145 -21.87 9.04 42.80
N CYS C 146 -20.83 9.64 42.22
CA CYS C 146 -19.66 8.97 41.82
C CYS C 146 -18.52 9.48 42.70
N LEU C 147 -17.50 8.62 42.79
CA LEU C 147 -16.36 8.85 43.64
C LEU C 147 -15.09 8.64 42.89
N VAL C 148 -14.08 9.39 43.35
CA VAL C 148 -12.79 9.42 42.69
C VAL C 148 -11.65 8.98 43.64
N GLY C 149 -10.84 8.03 43.19
CA GLY C 149 -9.64 7.66 43.96
C GLY C 149 -8.35 8.04 43.24
N GLU C 150 -7.28 7.33 43.55
CA GLU C 150 -5.99 7.62 42.94
C GLU C 150 -6.00 7.20 41.48
N ASN C 151 -5.12 7.82 40.73
CA ASN C 151 -4.97 7.56 39.33
C ASN C 151 -6.29 7.67 38.53
N HIS C 152 -7.17 8.61 38.92
CA HIS C 152 -8.41 8.90 38.19
C HIS C 152 -9.35 7.71 38.11
N LEU C 153 -9.27 6.86 39.12
CA LEU C 153 -10.17 5.76 39.30
C LEU C 153 -11.51 6.36 39.68
N VAL C 154 -12.57 5.95 39.00
CA VAL C 154 -13.92 6.38 39.34
C VAL C 154 -14.86 5.22 39.67
N LYS C 155 -15.72 5.42 40.67
CA LYS C 155 -16.73 4.44 41.05
C LYS C 155 -18.07 5.05 41.22
N VAL C 156 -19.06 4.26 40.85
CA VAL C 156 -20.46 4.58 40.93
C VAL C 156 -20.87 4.14 42.33
N ALA C 157 -21.69 4.98 42.92
CA ALA C 157 -22.19 4.74 44.24
C ALA C 157 -23.63 5.18 44.28
N ASP C 158 -24.27 4.98 45.42
CA ASP C 158 -25.58 5.53 45.68
C ASP C 158 -25.70 5.99 47.12
N PHE C 159 -25.56 7.30 47.33
CA PHE C 159 -25.58 7.91 48.66
C PHE C 159 -26.96 8.18 49.18
N GLY C 160 -27.98 7.94 48.35
CA GLY C 160 -29.39 8.10 48.76
C GLY C 160 -29.70 9.55 49.15
N PRO C 179 -33.31 16.75 41.15
CA PRO C 179 -32.75 15.84 40.17
C PRO C 179 -33.58 15.82 38.90
N ILE C 180 -34.56 16.70 38.82
CA ILE C 180 -35.37 16.86 37.61
C ILE C 180 -34.48 16.86 36.33
N LYS C 181 -33.35 17.56 36.37
CA LYS C 181 -32.50 17.69 35.16
C LYS C 181 -31.80 16.38 34.70
N TRP C 182 -31.85 15.33 35.53
CA TRP C 182 -31.22 14.03 35.20
C TRP C 182 -32.20 12.94 34.75
N THR C 183 -33.48 13.19 35.00
CA THR C 183 -34.56 12.22 34.88
C THR C 183 -35.11 12.12 33.46
N ALA C 184 -35.20 10.90 32.92
CA ALA C 184 -35.69 10.65 31.58
C ALA C 184 -37.15 11.10 31.43
N PRO C 185 -37.62 11.28 30.19
CA PRO C 185 -38.97 11.80 29.93
C PRO C 185 -40.04 11.00 30.63
N GLU C 186 -40.05 9.71 30.38
CA GLU C 186 -41.10 8.84 30.87
C GLU C 186 -41.07 8.64 32.40
N SER C 187 -39.95 8.97 33.04
CA SER C 187 -39.87 8.88 34.50
C SER C 187 -40.49 10.12 35.09
N LEU C 188 -40.26 11.26 34.45
CA LEU C 188 -40.84 12.52 34.90
C LEU C 188 -42.39 12.52 34.84
N ALA C 189 -42.92 12.07 33.71
CA ALA C 189 -44.33 12.24 33.42
C ALA C 189 -45.19 11.10 34.00
N TYR C 190 -44.65 9.88 33.92
CA TYR C 190 -45.38 8.65 34.16
C TYR C 190 -44.63 7.71 35.11
N ASN C 191 -43.56 8.23 35.73
CA ASN C 191 -42.97 7.62 36.92
C ASN C 191 -42.39 6.21 36.67
N LYS C 192 -41.97 5.97 35.43
CA LYS C 192 -41.34 4.72 35.02
C LYS C 192 -39.83 4.87 34.96
N PHE C 193 -39.15 4.02 35.70
CA PHE C 193 -37.71 4.02 35.81
C PHE C 193 -37.25 2.68 35.33
N SER C 194 -36.25 2.71 34.47
CA SER C 194 -35.75 1.50 33.86
C SER C 194 -34.26 1.71 33.66
N ILE C 195 -33.61 0.67 33.17
CA ILE C 195 -32.23 0.73 32.78
C ILE C 195 -32.09 1.85 31.75
N LYS C 196 -33.12 2.03 30.90
CA LYS C 196 -33.12 3.09 29.88
C LYS C 196 -33.29 4.48 30.42
N SER C 197 -33.95 4.64 31.57
CA SER C 197 -33.91 5.97 32.23
C SER C 197 -32.52 6.28 32.88
N ASP C 198 -31.82 5.21 33.28
CA ASP C 198 -30.43 5.28 33.71
C ASP C 198 -29.56 5.72 32.54
N VAL C 199 -29.86 5.19 31.35
CA VAL C 199 -29.09 5.54 30.14
C VAL C 199 -29.20 7.02 29.85
N TRP C 200 -30.40 7.54 29.99
CA TRP C 200 -30.63 8.98 29.83
C TRP C 200 -29.81 9.79 30.80
N ALA C 201 -29.95 9.45 32.10
CA ALA C 201 -29.15 10.00 33.21
C ALA C 201 -27.64 9.98 32.92
N PHE C 202 -27.17 8.86 32.37
CA PHE C 202 -25.79 8.72 31.96
C PHE C 202 -25.36 9.81 30.96
N GLY C 203 -26.21 10.06 29.97
CA GLY C 203 -26.01 11.16 29.05
C GLY C 203 -25.82 12.48 29.75
N VAL C 204 -26.65 12.73 30.77
CA VAL C 204 -26.51 13.98 31.54
C VAL C 204 -25.18 14.00 32.30
N LEU C 205 -24.86 12.90 32.96
CA LEU C 205 -23.56 12.71 33.62
C LEU C 205 -22.37 12.93 32.63
N LEU C 206 -22.45 12.39 31.43
CA LEU C 206 -21.55 12.71 30.34
C LEU C 206 -21.36 14.22 30.08
N TRP C 207 -22.47 14.96 30.08
CA TRP C 207 -22.46 16.42 30.03
C TRP C 207 -21.77 17.04 31.20
N GLU C 208 -22.04 16.56 32.41
CA GLU C 208 -21.35 17.08 33.61
C GLU C 208 -19.86 16.89 33.52
N ILE C 209 -19.46 15.72 33.07
CA ILE C 209 -18.05 15.45 32.88
C ILE C 209 -17.41 16.42 31.89
N ALA C 210 -18.03 16.56 30.74
CA ALA C 210 -17.50 17.42 29.65
C ALA C 210 -17.44 18.89 30.03
N THR C 211 -18.28 19.32 30.97
CA THR C 211 -18.25 20.68 31.35
C THR C 211 -17.49 20.89 32.60
N TYR C 212 -16.87 19.85 33.14
CA TYR C 212 -16.21 19.93 34.43
C TYR C 212 -17.15 20.36 35.55
N GLY C 213 -18.34 19.80 35.53
CA GLY C 213 -19.23 19.92 36.66
C GLY C 213 -20.15 21.13 36.64
N MET C 214 -20.54 21.59 35.47
CA MET C 214 -21.54 22.65 35.37
C MET C 214 -22.95 22.09 35.65
N SER C 215 -23.83 22.95 36.15
CA SER C 215 -25.22 22.60 36.45
C SER C 215 -25.94 22.52 35.10
N PRO C 216 -26.60 21.39 34.81
CA PRO C 216 -27.31 21.20 33.54
C PRO C 216 -28.44 22.21 33.21
N TYR C 217 -28.88 22.16 31.94
CA TYR C 217 -29.92 23.06 31.39
C TYR C 217 -29.87 24.38 32.04
N PRO C 218 -28.76 25.09 31.83
CA PRO C 218 -28.51 26.27 32.63
C PRO C 218 -29.51 27.33 32.12
N GLY C 219 -30.33 27.83 33.04
CA GLY C 219 -31.33 28.86 32.77
C GLY C 219 -32.74 28.40 32.43
N ILE C 220 -32.93 27.13 32.06
CA ILE C 220 -34.23 26.69 31.52
C ILE C 220 -35.16 26.16 32.60
N ASP C 221 -36.31 26.80 32.83
CA ASP C 221 -37.17 26.41 33.97
C ASP C 221 -37.59 24.93 33.97
N LEU C 222 -37.43 24.31 35.14
CA LEU C 222 -37.76 22.92 35.39
C LEU C 222 -39.16 22.57 34.86
N SER C 223 -40.05 23.54 34.95
CA SER C 223 -41.42 23.42 34.46
C SER C 223 -41.50 23.14 32.93
N GLN C 224 -40.56 23.65 32.16
CA GLN C 224 -40.65 23.48 30.71
C GLN C 224 -39.65 22.48 30.14
N VAL C 225 -38.75 21.89 30.95
CA VAL C 225 -37.80 20.89 30.46
C VAL C 225 -38.56 19.77 29.73
N TYR C 226 -39.65 19.34 30.35
CA TYR C 226 -40.37 18.19 29.85
C TYR C 226 -40.87 18.39 28.41
N GLU C 227 -41.56 19.51 28.17
CA GLU C 227 -42.18 19.78 26.86
C GLU C 227 -41.11 20.06 25.80
N LEU C 228 -40.10 20.81 26.20
CA LEU C 228 -38.88 20.95 25.39
C LEU C 228 -38.41 19.61 24.82
N LEU C 229 -38.24 18.63 25.68
CA LEU C 229 -37.73 17.31 25.29
C LEU C 229 -38.64 16.59 24.29
N GLU C 230 -39.94 16.59 24.64
CA GLU C 230 -41.03 16.18 23.75
C GLU C 230 -40.87 16.79 22.37
N LYS C 231 -40.66 18.10 22.27
CA LYS C 231 -40.50 18.71 20.91
C LYS C 231 -39.04 18.61 20.41
N ASP C 232 -38.32 17.65 20.95
CA ASP C 232 -37.00 17.29 20.46
C ASP C 232 -35.88 18.34 20.75
N TYR C 233 -36.10 19.26 21.69
CA TYR C 233 -34.96 20.02 22.23
C TYR C 233 -34.04 19.14 23.17
N ARG C 234 -32.73 19.35 23.04
CA ARG C 234 -31.65 18.74 23.83
C ARG C 234 -30.52 19.72 24.04
N MET C 235 -29.86 19.70 25.20
CA MET C 235 -28.60 20.44 25.47
C MET C 235 -27.54 20.36 24.34
N GLU C 236 -26.83 21.46 24.15
CA GLU C 236 -25.92 21.59 23.02
C GLU C 236 -24.52 21.11 23.42
N ARG C 237 -23.76 20.72 22.40
CA ARG C 237 -22.38 20.26 22.61
C ARG C 237 -21.58 21.26 23.38
N PRO C 238 -21.01 20.87 24.51
CA PRO C 238 -20.13 21.77 25.25
C PRO C 238 -18.77 21.98 24.58
N GLU C 239 -18.13 23.08 24.96
CA GLU C 239 -16.92 23.51 24.28
C GLU C 239 -15.83 22.54 24.68
N GLY C 240 -15.17 21.96 23.70
CA GLY C 240 -14.10 21.02 23.95
C GLY C 240 -14.58 19.61 23.83
N CYS C 241 -15.90 19.40 23.74
CA CYS C 241 -16.40 18.05 23.85
C CYS C 241 -16.21 17.43 22.47
N PRO C 242 -15.51 16.29 22.37
CA PRO C 242 -15.44 15.60 21.10
C PRO C 242 -16.81 15.33 20.49
N GLU C 243 -16.91 15.63 19.19
CA GLU C 243 -18.05 15.24 18.36
C GLU C 243 -18.62 13.89 18.75
N LYS C 244 -17.78 12.85 18.78
CA LYS C 244 -18.26 11.48 19.05
C LYS C 244 -18.89 11.27 20.43
N VAL C 245 -18.38 11.99 21.42
CA VAL C 245 -18.91 11.91 22.79
C VAL C 245 -20.28 12.58 22.81
N TYR C 246 -20.40 13.72 22.14
CA TYR C 246 -21.69 14.39 22.01
C TYR C 246 -22.73 13.52 21.25
N GLU C 247 -22.31 12.80 20.23
CA GLU C 247 -23.18 11.81 19.57
C GLU C 247 -23.62 10.66 20.48
N LEU C 248 -22.84 10.37 21.53
CA LEU C 248 -23.28 9.42 22.55
C LEU C 248 -24.31 10.05 23.46
N MET C 249 -24.06 11.27 23.90
CA MET C 249 -25.05 11.96 24.70
C MET C 249 -26.39 11.87 23.98
N ARG C 250 -26.39 12.39 22.75
CA ARG C 250 -27.59 12.44 21.94
C ARG C 250 -28.28 11.10 21.78
N ALA C 251 -27.54 10.05 21.49
CA ALA C 251 -28.12 8.70 21.48
C ALA C 251 -28.79 8.31 22.84
N CYS C 252 -28.16 8.72 23.96
CA CYS C 252 -28.70 8.50 25.32
C CYS C 252 -29.97 9.27 25.55
N TRP C 253 -30.11 10.43 24.88
CA TRP C 253 -31.33 11.24 24.99
C TRP C 253 -32.39 11.00 23.86
N GLN C 254 -32.33 9.87 23.15
CA GLN C 254 -33.44 9.48 22.21
C GLN C 254 -34.74 9.31 23.00
N TRP C 255 -35.87 9.70 22.39
CA TRP C 255 -37.13 9.81 23.11
C TRP C 255 -37.68 8.47 23.58
N ASN C 256 -37.85 7.51 22.68
CA ASN C 256 -38.29 6.24 23.17
C ASN C 256 -37.10 5.42 23.67
N PRO C 257 -37.18 5.00 24.93
CA PRO C 257 -36.09 4.30 25.55
C PRO C 257 -35.61 3.09 24.77
N SER C 258 -36.49 2.43 24.01
CA SER C 258 -36.07 1.27 23.22
C SER C 258 -35.05 1.69 22.20
N ASP C 259 -35.06 2.98 21.85
CA ASP C 259 -34.10 3.54 20.90
C ASP C 259 -32.74 3.94 21.47
N ARG C 260 -32.67 4.10 22.80
CA ARG C 260 -31.41 4.50 23.45
C ARG C 260 -30.48 3.32 23.46
N PRO C 261 -29.20 3.57 23.37
CA PRO C 261 -28.27 2.47 23.34
C PRO C 261 -28.30 1.71 24.68
N SER C 262 -27.72 0.51 24.67
CA SER C 262 -27.53 -0.20 25.90
C SER C 262 -26.20 0.27 26.49
N PHE C 263 -26.02 0.01 27.78
CA PHE C 263 -24.75 0.33 28.44
C PHE C 263 -23.62 -0.51 27.88
N ALA C 264 -23.98 -1.69 27.37
CA ALA C 264 -23.04 -2.58 26.67
C ALA C 264 -22.53 -1.91 25.43
N GLU C 265 -23.43 -1.26 24.69
CA GLU C 265 -23.05 -0.57 23.45
C GLU C 265 -22.35 0.75 23.77
N ILE C 266 -22.76 1.40 24.86
CA ILE C 266 -22.11 2.67 25.28
C ILE C 266 -20.69 2.35 25.64
N HIS C 267 -20.48 1.32 26.45
CA HIS C 267 -19.15 0.94 26.82
C HIS C 267 -18.30 0.62 25.58
N GLN C 268 -18.83 -0.23 24.70
CA GLN C 268 -18.03 -0.65 23.54
C GLN C 268 -17.64 0.59 22.72
N ALA C 269 -18.58 1.50 22.49
CA ALA C 269 -18.27 2.79 21.82
C ALA C 269 -17.11 3.55 22.47
N PHE C 270 -17.13 3.72 23.80
CA PHE C 270 -16.01 4.42 24.49
C PHE C 270 -14.68 3.69 24.28
N GLU C 271 -14.70 2.35 24.29
CA GLU C 271 -13.51 1.52 23.99
C GLU C 271 -12.97 1.74 22.58
N THR C 272 -13.88 1.74 21.62
CA THR C 272 -13.52 2.03 20.24
C THR C 272 -12.81 3.39 20.18
N MET C 273 -13.44 4.41 20.77
CA MET C 273 -12.84 5.76 20.85
C MET C 273 -11.40 5.72 21.35
N PHE C 274 -11.12 4.84 22.30
CA PHE C 274 -9.75 4.74 22.79
C PHE C 274 -8.81 4.30 21.65
N ASP D 10 52.96 6.31 3.42
CA ASP D 10 52.93 5.11 2.53
C ASP D 10 53.55 5.39 1.14
N LYS D 11 54.59 4.66 0.79
CA LYS D 11 55.29 4.87 -0.49
C LYS D 11 54.41 4.79 -1.75
N TRP D 12 53.38 3.95 -1.70
CA TRP D 12 52.47 3.71 -2.84
C TRP D 12 51.52 4.89 -3.09
N GLU D 13 51.20 5.60 -2.01
CA GLU D 13 50.37 6.78 -2.06
C GLU D 13 50.90 7.71 -3.13
N MET D 14 50.02 8.29 -3.93
CA MET D 14 50.43 9.27 -4.91
C MET D 14 49.40 10.37 -5.12
N GLU D 15 49.80 11.40 -5.85
CA GLU D 15 49.03 12.64 -5.96
C GLU D 15 47.94 12.54 -7.03
N ARG D 16 46.75 12.98 -6.65
CA ARG D 16 45.54 12.81 -7.44
C ARG D 16 45.58 13.58 -8.76
N THR D 17 46.18 14.76 -8.74
CA THR D 17 46.15 15.66 -9.90
C THR D 17 47.11 15.22 -11.00
N ASP D 18 47.98 14.25 -10.70
CA ASP D 18 48.93 13.70 -11.68
C ASP D 18 48.23 12.73 -12.64
N ILE D 19 46.91 12.60 -12.50
CA ILE D 19 46.12 11.67 -13.30
C ILE D 19 44.89 12.35 -13.90
N THR D 20 44.73 12.20 -15.21
CA THR D 20 43.57 12.69 -15.93
C THR D 20 42.61 11.54 -16.18
N MET D 21 41.41 11.66 -15.63
CA MET D 21 40.43 10.60 -15.71
C MET D 21 39.78 10.63 -17.07
N LYS D 22 39.99 9.55 -17.83
CA LYS D 22 39.31 9.38 -19.11
C LYS D 22 37.97 8.67 -18.89
N HIS D 23 37.73 7.59 -19.65
CA HIS D 23 36.42 6.98 -19.76
C HIS D 23 36.46 5.62 -19.07
N LYS D 24 35.29 5.11 -18.72
CA LYS D 24 35.15 3.74 -18.20
C LYS D 24 35.66 2.74 -19.23
N LEU D 25 36.54 1.83 -18.79
CA LEU D 25 37.03 0.75 -19.63
C LEU D 25 35.94 -0.30 -19.87
N GLY D 26 36.13 -1.08 -20.92
CA GLY D 26 35.31 -2.26 -21.20
C GLY D 26 33.81 -2.08 -21.35
N GLY D 27 33.36 -0.84 -21.60
CA GLY D 27 31.93 -0.54 -21.64
C GLY D 27 31.25 -0.74 -20.30
N GLY D 28 32.03 -0.61 -19.23
CA GLY D 28 31.55 -0.83 -17.85
C GLY D 28 31.46 -2.27 -17.36
N GLN D 29 32.13 -3.18 -18.06
CA GLN D 29 32.13 -4.61 -17.68
C GLN D 29 33.01 -4.86 -16.46
N TYR D 30 34.03 -4.02 -16.26
CA TYR D 30 34.92 -4.08 -15.07
C TYR D 30 34.48 -3.22 -13.87
N GLY D 31 33.25 -2.69 -13.92
CA GLY D 31 32.76 -1.75 -12.90
C GLY D 31 33.45 -0.38 -12.98
N GLU D 32 33.53 0.31 -11.84
CA GLU D 32 34.18 1.61 -11.75
C GLU D 32 35.68 1.58 -12.03
N VAL D 33 36.07 1.10 -13.21
CA VAL D 33 37.47 1.14 -13.60
C VAL D 33 37.63 2.04 -14.85
N TYR D 34 38.58 2.98 -14.76
CA TYR D 34 38.69 4.05 -15.75
C TYR D 34 40.05 4.00 -16.37
N GLU D 35 40.09 4.31 -17.67
CA GLU D 35 41.33 4.59 -18.37
C GLU D 35 41.90 5.90 -17.84
N GLY D 36 43.19 5.90 -17.54
CA GLY D 36 43.83 7.05 -16.92
C GLY D 36 45.01 7.54 -17.75
N VAL D 37 45.47 8.75 -17.39
CA VAL D 37 46.72 9.29 -17.91
C VAL D 37 47.61 9.65 -16.73
N TRP D 38 48.76 8.98 -16.59
CA TRP D 38 49.71 9.33 -15.52
C TRP D 38 50.67 10.45 -15.98
N THR D 44 49.64 5.37 -20.05
CA THR D 44 48.24 5.01 -19.73
C THR D 44 48.18 4.04 -18.54
N VAL D 45 47.19 4.23 -17.68
CA VAL D 45 46.97 3.34 -16.54
C VAL D 45 45.49 3.01 -16.39
N ALA D 46 45.21 2.00 -15.56
CA ALA D 46 43.85 1.62 -15.17
C ALA D 46 43.61 2.12 -13.74
N VAL D 47 42.44 2.70 -13.53
CA VAL D 47 42.12 3.38 -12.28
C VAL D 47 40.74 2.98 -11.77
N LYS D 48 40.75 2.21 -10.69
CA LYS D 48 39.54 1.81 -9.98
C LYS D 48 39.20 2.90 -8.97
N THR D 49 37.93 3.26 -8.87
CA THR D 49 37.52 4.35 -8.01
C THR D 49 36.39 4.06 -7.05
N LEU D 50 36.37 4.82 -5.96
CA LEU D 50 35.23 4.80 -5.04
C LEU D 50 34.78 6.23 -4.77
N LYS D 51 33.53 6.53 -5.15
CA LYS D 51 32.95 7.89 -4.99
C LYS D 51 32.70 8.30 -3.54
N GLU D 52 31.87 7.52 -2.84
CA GLU D 52 31.37 7.92 -1.50
C GLU D 52 32.49 7.99 -0.46
N ASP D 53 32.27 8.82 0.58
CA ASP D 53 33.21 8.97 1.69
C ASP D 53 32.61 8.32 2.94
N THR D 54 32.68 6.99 2.97
CA THR D 54 32.25 6.19 4.12
C THR D 54 33.41 5.29 4.54
N MET D 55 33.21 4.56 5.64
CA MET D 55 34.14 3.50 6.06
C MET D 55 34.31 2.34 5.04
N GLU D 56 33.45 2.30 4.02
CA GLU D 56 33.69 1.45 2.84
C GLU D 56 35.08 1.55 2.28
N VAL D 57 35.74 2.69 2.44
CA VAL D 57 37.10 2.84 1.93
C VAL D 57 38.03 1.73 2.43
N GLU D 58 37.88 1.33 3.68
CA GLU D 58 38.75 0.30 4.26
C GLU D 58 38.63 -1.03 3.53
N GLU D 59 37.43 -1.34 3.06
CA GLU D 59 37.19 -2.59 2.34
C GLU D 59 37.68 -2.50 0.93
N PHE D 60 37.46 -1.33 0.34
CA PHE D 60 37.93 -1.01 -1.01
C PHE D 60 39.45 -1.16 -1.14
N LEU D 61 40.15 -0.65 -0.14
CA LEU D 61 41.61 -0.67 -0.17
C LEU D 61 42.23 -2.00 0.24
N LYS D 62 41.45 -2.93 0.85
CA LYS D 62 41.99 -4.27 1.19
C LYS D 62 42.64 -4.92 -0.01
N GLU D 63 41.97 -4.83 -1.15
CA GLU D 63 42.55 -5.21 -2.44
C GLU D 63 43.99 -4.69 -2.65
N ALA D 64 44.20 -3.39 -2.43
CA ALA D 64 45.53 -2.78 -2.72
C ALA D 64 46.59 -3.30 -1.74
N ALA D 65 46.20 -3.54 -0.49
CA ALA D 65 47.16 -4.08 0.49
C ALA D 65 47.79 -5.38 0.00
N VAL D 66 46.97 -6.27 -0.57
CA VAL D 66 47.44 -7.57 -1.06
C VAL D 66 48.42 -7.37 -2.20
N MET D 67 48.07 -6.48 -3.11
CA MET D 67 48.82 -6.35 -4.36
C MET D 67 50.20 -5.72 -4.13
N LYS D 68 50.32 -4.90 -3.08
CA LYS D 68 51.60 -4.40 -2.58
C LYS D 68 52.60 -5.53 -2.35
N GLU D 69 52.09 -6.69 -1.95
CA GLU D 69 52.92 -7.84 -1.60
C GLU D 69 53.20 -8.82 -2.75
N ILE D 70 52.78 -8.50 -3.98
CA ILE D 70 53.01 -9.40 -5.12
C ILE D 70 53.58 -8.66 -6.32
N LYS D 71 54.63 -9.22 -6.88
CA LYS D 71 55.39 -8.56 -7.92
C LYS D 71 56.02 -9.63 -8.79
N HIS D 72 55.70 -9.59 -10.09
CA HIS D 72 56.11 -10.61 -11.05
C HIS D 72 55.70 -10.06 -12.43
N PRO D 73 56.48 -10.32 -13.46
CA PRO D 73 56.18 -9.74 -14.79
C PRO D 73 54.86 -10.19 -15.43
N ASN D 74 54.33 -11.34 -15.02
CA ASN D 74 53.08 -11.86 -15.59
C ASN D 74 51.88 -11.75 -14.62
N LEU D 75 52.03 -10.81 -13.68
CA LEU D 75 50.97 -10.45 -12.76
C LEU D 75 50.77 -8.97 -12.86
N VAL D 76 49.52 -8.53 -12.95
CA VAL D 76 49.23 -7.11 -13.06
C VAL D 76 49.87 -6.37 -11.88
N GLN D 77 50.55 -5.26 -12.19
CA GLN D 77 51.33 -4.51 -11.21
C GLN D 77 50.55 -3.35 -10.63
N LEU D 78 50.46 -3.34 -9.29
CA LEU D 78 50.08 -2.16 -8.56
C LEU D 78 51.12 -1.05 -8.81
N LEU D 79 50.61 0.17 -9.02
CA LEU D 79 51.44 1.34 -9.22
C LEU D 79 51.26 2.37 -8.09
N GLY D 80 50.03 2.53 -7.61
CA GLY D 80 49.77 3.36 -6.44
C GLY D 80 48.32 3.55 -6.08
N VAL D 81 48.09 4.40 -5.07
CA VAL D 81 46.76 4.62 -4.52
C VAL D 81 46.54 6.09 -4.12
N CYS D 82 45.27 6.46 -3.99
CA CYS D 82 44.93 7.74 -3.39
C CYS D 82 43.99 7.40 -2.26
N THR D 83 44.60 7.28 -1.08
CA THR D 83 43.94 6.89 0.15
C THR D 83 44.02 8.05 1.11
N ARG D 84 43.42 9.18 0.74
CA ARG D 84 43.28 10.30 1.70
C ARG D 84 42.02 11.18 1.48
N GLU D 85 41.42 11.13 0.28
CA GLU D 85 40.19 11.85 0.05
C GLU D 85 39.45 11.28 -1.17
N PRO D 86 38.12 11.35 -1.13
CA PRO D 86 37.29 10.92 -2.26
C PRO D 86 37.32 11.83 -3.50
N PRO D 87 37.51 11.25 -4.69
CA PRO D 87 37.29 9.81 -4.89
C PRO D 87 38.56 9.01 -4.57
N PHE D 88 38.40 7.85 -3.92
CA PHE D 88 39.55 6.96 -3.63
C PHE D 88 39.94 6.18 -4.90
N TYR D 89 41.24 5.98 -5.10
CA TYR D 89 41.78 5.51 -6.38
C TYR D 89 42.71 4.34 -6.15
N ILE D 90 42.59 3.31 -6.98
CA ILE D 90 43.58 2.21 -7.04
C ILE D 90 44.03 2.09 -8.48
N ILE D 91 45.32 2.26 -8.70
CA ILE D 91 45.86 2.44 -10.04
C ILE D 91 46.76 1.26 -10.39
N THR D 92 46.54 0.71 -11.58
CA THR D 92 47.43 -0.33 -12.09
C THR D 92 47.94 0.06 -13.46
N GLU D 93 48.81 -0.79 -13.99
CA GLU D 93 49.23 -0.67 -15.38
C GLU D 93 48.03 -0.86 -16.30
N PHE D 94 48.13 -0.29 -17.49
CA PHE D 94 47.16 -0.50 -18.54
C PHE D 94 47.76 -1.48 -19.56
N MET D 95 46.98 -2.49 -19.96
CA MET D 95 47.40 -3.48 -20.97
C MET D 95 46.67 -3.21 -22.29
N THR D 96 47.42 -2.69 -23.28
CA THR D 96 46.86 -2.18 -24.55
C THR D 96 45.65 -2.94 -25.11
N TYR D 97 45.76 -4.26 -25.19
CA TYR D 97 44.76 -5.11 -25.87
C TYR D 97 43.69 -5.72 -24.95
N GLY D 98 43.69 -5.33 -23.68
CA GLY D 98 42.62 -5.76 -22.75
C GLY D 98 42.58 -7.25 -22.46
N ASN D 99 41.40 -7.75 -22.08
CA ASN D 99 41.34 -9.12 -21.54
C ASN D 99 41.57 -10.18 -22.58
N LEU D 100 42.10 -11.30 -22.13
CA LEU D 100 42.51 -12.38 -22.99
C LEU D 100 41.34 -13.06 -23.65
N LEU D 101 40.23 -13.20 -22.93
CA LEU D 101 39.07 -13.90 -23.49
C LEU D 101 38.63 -13.27 -24.84
N ASP D 102 38.30 -11.99 -24.78
CA ASP D 102 37.82 -11.24 -25.93
C ASP D 102 38.91 -10.96 -26.99
N TYR D 103 40.17 -10.97 -26.58
CA TYR D 103 41.28 -10.87 -27.52
C TYR D 103 41.33 -12.08 -28.41
N LEU D 104 41.24 -13.26 -27.80
CA LEU D 104 41.27 -14.53 -28.53
C LEU D 104 40.05 -14.69 -29.41
N ARG D 105 38.93 -14.13 -28.96
CA ARG D 105 37.70 -14.23 -29.73
C ARG D 105 37.76 -13.42 -31.03
N GLU D 106 38.46 -12.29 -31.02
CA GLU D 106 38.50 -11.39 -32.14
C GLU D 106 39.86 -11.36 -32.87
N CYS D 107 40.80 -12.22 -32.45
CA CYS D 107 42.16 -12.17 -33.02
C CYS D 107 42.27 -12.80 -34.44
N ASN D 108 43.32 -12.39 -35.15
CA ASN D 108 43.74 -13.03 -36.38
C ASN D 108 44.53 -14.28 -35.96
N ARG D 109 44.07 -15.45 -36.40
CA ARG D 109 44.60 -16.72 -35.90
C ARG D 109 45.88 -17.23 -36.53
N GLN D 110 46.20 -16.74 -37.72
CA GLN D 110 47.41 -17.17 -38.42
C GLN D 110 48.61 -16.44 -37.81
N GLU D 111 48.37 -15.20 -37.38
CA GLU D 111 49.37 -14.42 -36.66
C GLU D 111 49.44 -14.86 -35.19
N VAL D 112 48.27 -15.10 -34.60
CA VAL D 112 48.20 -15.63 -33.23
C VAL D 112 48.03 -17.13 -33.33
N ASN D 113 49.11 -17.80 -33.72
CA ASN D 113 49.10 -19.23 -34.02
C ASN D 113 49.64 -20.04 -32.84
N ALA D 114 49.80 -21.35 -33.07
CA ALA D 114 50.18 -22.32 -32.03
C ALA D 114 51.35 -21.86 -31.15
N VAL D 115 52.43 -21.42 -31.77
CA VAL D 115 53.61 -21.06 -31.00
C VAL D 115 53.30 -19.90 -30.04
N VAL D 116 52.42 -19.00 -30.46
CA VAL D 116 51.97 -17.86 -29.65
C VAL D 116 51.07 -18.33 -28.48
N LEU D 117 50.23 -19.34 -28.71
CA LEU D 117 49.40 -19.92 -27.64
C LEU D 117 50.25 -20.50 -26.54
N LEU D 118 51.26 -21.24 -26.97
CA LEU D 118 52.22 -21.83 -26.04
C LEU D 118 52.96 -20.77 -25.19
N TYR D 119 53.27 -19.63 -25.77
CA TYR D 119 53.97 -18.56 -25.05
C TYR D 119 53.05 -17.93 -24.03
N MET D 120 51.81 -17.69 -24.44
CA MET D 120 50.81 -17.16 -23.55
C MET D 120 50.63 -18.10 -22.35
N ALA D 121 50.73 -19.41 -22.61
CA ALA D 121 50.56 -20.44 -21.59
C ALA D 121 51.72 -20.43 -20.63
N THR D 122 52.88 -20.20 -21.19
CA THR D 122 54.14 -20.22 -20.45
C THR D 122 54.15 -19.03 -19.51
N GLN D 123 53.76 -17.87 -20.02
CA GLN D 123 53.59 -16.66 -19.21
C GLN D 123 52.62 -16.84 -18.03
N ILE D 124 51.40 -17.34 -18.32
CA ILE D 124 50.39 -17.51 -17.26
C ILE D 124 50.96 -18.45 -16.19
N SER D 125 51.51 -19.60 -16.63
CA SER D 125 52.11 -20.55 -15.69
C SER D 125 53.27 -20.04 -14.83
N SER D 126 54.05 -19.05 -15.31
CA SER D 126 55.08 -18.46 -14.44
C SER D 126 54.43 -17.56 -13.37
N ALA D 127 53.37 -16.85 -13.78
CA ALA D 127 52.62 -16.04 -12.84
C ALA D 127 52.13 -16.94 -11.72
N MET D 128 51.52 -18.06 -12.13
CA MET D 128 50.97 -19.03 -11.20
C MET D 128 52.03 -19.70 -10.35
N GLU D 129 53.19 -20.02 -10.93
CA GLU D 129 54.24 -20.71 -10.14
C GLU D 129 54.74 -19.83 -8.97
N TYR D 130 54.89 -18.54 -9.22
CA TYR D 130 55.19 -17.52 -8.20
C TYR D 130 54.13 -17.46 -7.09
N LEU D 131 52.87 -17.48 -7.50
CA LEU D 131 51.77 -17.47 -6.55
C LEU D 131 51.77 -18.77 -5.74
N GLU D 132 52.00 -19.88 -6.43
CA GLU D 132 52.15 -21.18 -5.76
C GLU D 132 53.19 -21.08 -4.63
N LYS D 133 54.30 -20.40 -4.93
CA LYS D 133 55.44 -20.29 -4.02
C LYS D 133 55.15 -19.37 -2.85
N LYS D 134 54.31 -18.36 -3.07
CA LYS D 134 53.81 -17.50 -1.97
C LYS D 134 52.61 -18.10 -1.21
N ASN D 135 52.20 -19.34 -1.50
CA ASN D 135 51.03 -19.96 -0.88
C ASN D 135 49.70 -19.21 -1.17
N PHE D 136 49.68 -18.43 -2.27
CA PHE D 136 48.54 -17.57 -2.63
C PHE D 136 47.58 -18.29 -3.57
N ILE D 137 46.32 -18.37 -3.18
CA ILE D 137 45.29 -19.04 -3.97
C ILE D 137 44.59 -17.90 -4.69
N HIS D 138 44.63 -17.89 -6.02
CA HIS D 138 43.96 -16.88 -6.86
C HIS D 138 42.42 -17.02 -6.77
N ARG D 139 41.95 -18.26 -6.86
CA ARG D 139 40.53 -18.64 -6.75
C ARG D 139 39.68 -18.42 -7.99
N ASP D 140 40.15 -17.65 -8.99
CA ASP D 140 39.34 -17.41 -10.21
C ASP D 140 40.21 -17.28 -11.49
N LEU D 141 41.06 -18.27 -11.69
CA LEU D 141 41.86 -18.28 -12.88
C LEU D 141 40.99 -18.60 -14.14
N ALA D 142 40.90 -17.61 -15.03
CA ALA D 142 40.25 -17.74 -16.37
C ALA D 142 40.70 -16.65 -17.35
N ALA D 143 40.38 -16.83 -18.65
CA ALA D 143 40.76 -15.88 -19.72
C ALA D 143 40.17 -14.48 -19.50
N ARG D 144 38.96 -14.44 -18.98
CA ARG D 144 38.33 -13.17 -18.62
C ARG D 144 39.14 -12.38 -17.55
N ASN D 145 40.07 -13.07 -16.87
CA ASN D 145 40.90 -12.47 -15.80
C ASN D 145 42.37 -12.37 -16.21
N CYS D 146 42.63 -12.33 -17.51
CA CYS D 146 43.98 -12.10 -18.00
C CYS D 146 43.99 -10.92 -18.93
N LEU D 147 45.18 -10.31 -19.06
CA LEU D 147 45.37 -9.19 -19.92
C LEU D 147 46.48 -9.47 -20.94
N VAL D 148 46.30 -8.91 -22.13
CA VAL D 148 47.22 -9.05 -23.25
C VAL D 148 47.89 -7.70 -23.51
N GLY D 149 49.21 -7.72 -23.60
CA GLY D 149 49.99 -6.55 -23.98
C GLY D 149 50.65 -6.70 -25.35
N GLU D 150 51.63 -5.84 -25.60
CA GLU D 150 52.38 -5.82 -26.88
C GLU D 150 53.32 -7.03 -26.92
N ASN D 151 53.52 -7.54 -28.13
CA ASN D 151 54.29 -8.78 -28.39
C ASN D 151 53.76 -9.95 -27.58
N HIS D 152 52.45 -10.02 -27.45
CA HIS D 152 51.76 -11.16 -26.84
C HIS D 152 52.06 -11.37 -25.33
N LEU D 153 52.31 -10.26 -24.66
CA LEU D 153 52.51 -10.19 -23.23
C LEU D 153 51.18 -10.53 -22.53
N VAL D 154 51.19 -11.55 -21.68
CA VAL D 154 49.98 -11.94 -20.93
C VAL D 154 50.21 -11.73 -19.43
N LYS D 155 49.31 -11.01 -18.77
CA LYS D 155 49.35 -10.92 -17.29
C LYS D 155 48.07 -11.44 -16.68
N VAL D 156 48.25 -12.14 -15.57
CA VAL D 156 47.14 -12.67 -14.75
C VAL D 156 46.68 -11.51 -13.86
N ALA D 157 45.38 -11.37 -13.76
CA ALA D 157 44.80 -10.35 -12.93
C ALA D 157 43.61 -11.01 -12.18
N ASP D 158 42.82 -10.17 -11.50
CA ASP D 158 41.57 -10.57 -10.81
C ASP D 158 40.63 -9.38 -10.78
N PHE D 159 39.62 -9.39 -11.61
CA PHE D 159 38.76 -8.22 -11.75
C PHE D 159 37.56 -8.15 -10.78
N GLY D 160 37.41 -9.14 -9.90
CA GLY D 160 36.21 -9.18 -9.09
C GLY D 160 34.97 -9.35 -9.94
N LEU D 161 35.04 -10.26 -10.90
CA LEU D 161 34.04 -10.35 -11.94
C LEU D 161 32.72 -10.95 -11.48
N SER D 162 32.78 -11.81 -10.45
CA SER D 162 31.61 -12.50 -9.97
C SER D 162 30.51 -11.52 -9.59
N ARG D 163 30.86 -10.36 -9.04
CA ARG D 163 29.85 -9.40 -8.61
C ARG D 163 29.20 -8.69 -9.82
N LEU D 164 29.98 -8.39 -10.85
CA LEU D 164 29.51 -7.57 -11.97
C LEU D 164 28.69 -8.41 -12.97
N MET D 165 29.38 -9.41 -13.52
CA MET D 165 28.91 -10.22 -14.63
C MET D 165 27.58 -10.94 -14.32
N THR D 166 26.61 -10.80 -15.23
CA THR D 166 25.31 -11.46 -15.13
C THR D 166 25.27 -12.70 -16.05
N GLY D 167 24.73 -13.81 -15.53
CA GLY D 167 24.46 -14.98 -16.36
C GLY D 167 25.10 -16.31 -15.97
N ASP D 168 25.50 -17.08 -16.99
CA ASP D 168 25.83 -18.49 -16.81
C ASP D 168 27.27 -18.73 -16.35
N THR D 169 28.12 -17.68 -16.48
CA THR D 169 29.52 -17.82 -16.16
C THR D 169 29.65 -18.03 -14.67
N TYR D 170 29.14 -17.09 -13.88
CA TYR D 170 29.10 -17.24 -12.43
C TYR D 170 27.65 -17.45 -12.04
N THR D 171 27.41 -18.52 -11.30
CA THR D 171 26.08 -18.84 -10.82
C THR D 171 26.14 -19.21 -9.36
N ALA D 172 24.99 -19.11 -8.73
CA ALA D 172 24.86 -19.31 -7.31
C ALA D 172 25.21 -20.74 -6.94
N HIS D 173 26.04 -20.88 -5.93
CA HIS D 173 26.41 -22.17 -5.44
C HIS D 173 26.90 -21.97 -4.03
N ALA D 174 26.38 -22.74 -3.09
CA ALA D 174 26.82 -22.65 -1.70
C ALA D 174 26.91 -21.25 -1.13
N GLY D 175 25.98 -20.37 -1.52
CA GLY D 175 25.94 -19.03 -1.00
C GLY D 175 27.03 -18.09 -1.48
N ALA D 176 27.81 -18.49 -2.50
CA ALA D 176 28.56 -17.50 -3.28
C ALA D 176 28.26 -17.73 -4.75
N LYS D 177 28.86 -16.91 -5.60
CA LYS D 177 28.75 -17.06 -7.05
C LYS D 177 30.04 -17.72 -7.54
N PHE D 178 29.93 -18.93 -8.11
CA PHE D 178 31.07 -19.71 -8.63
C PHE D 178 31.01 -19.75 -10.15
N PRO D 179 32.18 -19.78 -10.79
CA PRO D 179 32.28 -20.13 -12.19
C PRO D 179 32.40 -21.65 -12.25
N ILE D 180 31.24 -22.33 -12.23
CA ILE D 180 31.16 -23.79 -12.07
C ILE D 180 32.06 -24.51 -13.04
N LYS D 181 32.00 -24.13 -14.30
CA LYS D 181 32.81 -24.79 -15.37
C LYS D 181 34.35 -24.68 -15.20
N TRP D 182 34.79 -23.70 -14.41
CA TRP D 182 36.23 -23.52 -14.05
C TRP D 182 36.59 -24.11 -12.70
N THR D 183 35.57 -24.65 -12.02
CA THR D 183 35.70 -25.04 -10.62
C THR D 183 36.01 -26.51 -10.47
N ALA D 184 37.06 -26.78 -9.69
CA ALA D 184 37.45 -28.11 -9.32
C ALA D 184 36.28 -28.80 -8.58
N PRO D 185 36.12 -30.10 -8.81
CA PRO D 185 35.05 -30.86 -8.19
C PRO D 185 35.02 -30.72 -6.69
N GLU D 186 36.18 -30.84 -6.04
CA GLU D 186 36.25 -30.76 -4.58
C GLU D 186 35.90 -29.37 -4.01
N SER D 187 36.06 -28.34 -4.82
CA SER D 187 35.67 -26.99 -4.46
C SER D 187 34.17 -26.91 -4.57
N LEU D 188 33.64 -27.55 -5.61
CA LEU D 188 32.20 -27.64 -5.77
C LEU D 188 31.52 -28.39 -4.63
N ALA D 189 32.04 -29.58 -4.31
CA ALA D 189 31.37 -30.46 -3.32
C ALA D 189 31.61 -30.09 -1.85
N TYR D 190 32.85 -29.72 -1.52
CA TYR D 190 33.32 -29.52 -0.14
C TYR D 190 33.73 -28.09 0.23
N ASN D 191 33.70 -27.17 -0.72
CA ASN D 191 34.26 -25.84 -0.52
C ASN D 191 35.77 -25.78 -0.16
N LYS D 192 36.51 -26.78 -0.65
CA LYS D 192 37.94 -26.87 -0.47
C LYS D 192 38.65 -26.16 -1.64
N PHE D 193 39.21 -24.99 -1.37
CA PHE D 193 39.99 -24.22 -2.32
C PHE D 193 41.46 -24.33 -1.94
N SER D 194 42.30 -24.44 -2.97
CA SER D 194 43.73 -24.62 -2.77
C SER D 194 44.49 -24.23 -4.04
N ILE D 195 45.81 -24.32 -3.95
CA ILE D 195 46.67 -24.28 -5.14
C ILE D 195 46.19 -25.26 -6.19
N LYS D 196 45.81 -26.46 -5.76
CA LYS D 196 45.43 -27.51 -6.71
C LYS D 196 44.10 -27.21 -7.35
N SER D 197 43.24 -26.48 -6.64
CA SER D 197 42.02 -26.01 -7.28
C SER D 197 42.38 -24.97 -8.33
N ASP D 198 43.37 -24.13 -8.05
CA ASP D 198 43.91 -23.21 -9.08
C ASP D 198 44.49 -23.97 -10.30
N VAL D 199 45.14 -25.09 -10.06
CA VAL D 199 45.67 -25.94 -11.15
C VAL D 199 44.57 -26.44 -12.06
N TRP D 200 43.42 -26.82 -11.47
CA TRP D 200 42.29 -27.28 -12.24
C TRP D 200 41.79 -26.17 -13.15
N ALA D 201 41.62 -24.97 -12.61
CA ALA D 201 41.17 -23.84 -13.42
C ALA D 201 42.18 -23.45 -14.53
N PHE D 202 43.47 -23.65 -14.28
CA PHE D 202 44.49 -23.46 -15.35
C PHE D 202 44.19 -24.38 -16.56
N GLY D 203 43.91 -25.66 -16.26
CA GLY D 203 43.55 -26.62 -17.29
C GLY D 203 42.41 -26.08 -18.14
N VAL D 204 41.40 -25.52 -17.47
CA VAL D 204 40.26 -24.97 -18.21
C VAL D 204 40.77 -23.81 -19.02
N LEU D 205 41.68 -23.06 -18.41
CA LEU D 205 42.21 -21.88 -19.06
C LEU D 205 42.97 -22.24 -20.36
N LEU D 206 43.79 -23.29 -20.32
CA LEU D 206 44.41 -23.82 -21.52
C LEU D 206 43.39 -24.05 -22.66
N TRP D 207 42.37 -24.84 -22.32
CA TRP D 207 41.28 -25.19 -23.24
C TRP D 207 40.67 -23.94 -23.87
N GLU D 208 40.43 -22.90 -23.06
CA GLU D 208 39.94 -21.61 -23.58
C GLU D 208 40.90 -21.04 -24.60
N ILE D 209 42.19 -21.16 -24.30
CA ILE D 209 43.25 -20.56 -25.13
C ILE D 209 43.37 -21.38 -26.40
N ALA D 210 43.40 -22.70 -26.26
CA ALA D 210 43.43 -23.60 -27.42
C ALA D 210 42.24 -23.35 -28.39
N THR D 211 41.06 -22.99 -27.88
CA THR D 211 39.88 -22.79 -28.73
C THR D 211 39.61 -21.33 -29.08
N TYR D 212 40.59 -20.46 -28.90
CA TYR D 212 40.41 -19.05 -29.25
C TYR D 212 39.15 -18.41 -28.60
N GLY D 213 38.94 -18.77 -27.33
CA GLY D 213 37.95 -18.10 -26.49
C GLY D 213 36.57 -18.73 -26.54
N MET D 214 36.47 -20.03 -26.80
CA MET D 214 35.17 -20.69 -26.73
C MET D 214 34.81 -20.93 -25.27
N SER D 215 33.51 -21.09 -25.01
CA SER D 215 32.98 -21.50 -23.71
C SER D 215 33.16 -23.00 -23.50
N PRO D 216 33.57 -23.42 -22.31
CA PRO D 216 33.74 -24.85 -22.04
C PRO D 216 32.39 -25.60 -21.94
N TYR D 217 32.43 -26.91 -22.17
CA TYR D 217 31.23 -27.74 -22.27
C TYR D 217 30.08 -26.94 -23.00
N PRO D 218 30.33 -26.43 -24.22
CA PRO D 218 29.34 -25.55 -24.88
C PRO D 218 28.14 -26.40 -25.32
N GLY D 219 26.94 -25.94 -24.95
CA GLY D 219 25.71 -26.69 -25.20
C GLY D 219 25.35 -27.63 -24.05
N ILE D 220 26.17 -27.65 -22.98
CA ILE D 220 25.87 -28.45 -21.76
C ILE D 220 25.40 -27.58 -20.54
N ASP D 221 24.24 -27.97 -20.00
CA ASP D 221 23.68 -27.37 -18.76
C ASP D 221 24.58 -27.51 -17.51
N LEU D 222 24.67 -26.38 -16.79
CA LEU D 222 25.43 -26.30 -15.52
C LEU D 222 25.05 -27.42 -14.58
N SER D 223 23.73 -27.68 -14.51
CA SER D 223 23.12 -28.73 -13.69
C SER D 223 23.76 -30.11 -13.83
N GLN D 224 24.34 -30.39 -15.02
CA GLN D 224 24.95 -31.69 -15.38
C GLN D 224 26.46 -31.74 -15.22
N VAL D 225 27.11 -30.57 -15.22
CA VAL D 225 28.60 -30.50 -15.19
C VAL D 225 29.31 -31.33 -14.12
N TYR D 226 28.96 -31.19 -12.86
CA TYR D 226 29.70 -31.92 -11.82
C TYR D 226 29.59 -33.40 -12.11
N GLU D 227 28.41 -33.83 -12.57
CA GLU D 227 28.11 -35.26 -12.71
C GLU D 227 28.87 -35.88 -13.87
N LEU D 228 28.73 -35.30 -15.06
CA LEU D 228 29.54 -35.73 -16.21
C LEU D 228 30.96 -35.93 -15.70
N LEU D 229 31.55 -34.88 -15.12
CA LEU D 229 32.90 -34.93 -14.52
C LEU D 229 33.12 -36.11 -13.54
N GLU D 230 32.14 -36.38 -12.68
CA GLU D 230 32.18 -37.56 -11.81
C GLU D 230 32.25 -38.84 -12.63
N LYS D 231 31.50 -38.84 -13.74
CA LYS D 231 31.47 -39.96 -14.71
C LYS D 231 32.63 -39.86 -15.73
N ASP D 232 33.62 -39.03 -15.39
CA ASP D 232 34.88 -38.85 -16.13
C ASP D 232 34.79 -38.19 -17.50
N TYR D 233 33.68 -37.54 -17.84
CA TYR D 233 33.64 -36.75 -19.05
C TYR D 233 34.64 -35.63 -18.91
N ARG D 234 35.55 -35.51 -19.87
CA ARG D 234 36.49 -34.38 -19.92
C ARG D 234 36.33 -33.73 -21.29
N MET D 235 36.53 -32.42 -21.35
CA MET D 235 36.46 -31.78 -22.64
C MET D 235 37.40 -32.51 -23.63
N GLU D 236 37.04 -32.48 -24.91
CA GLU D 236 37.75 -33.19 -25.99
C GLU D 236 38.89 -32.31 -26.48
N ARG D 237 39.90 -32.90 -27.13
CA ARG D 237 41.07 -32.12 -27.57
C ARG D 237 40.62 -31.11 -28.58
N PRO D 238 40.94 -29.84 -28.37
CA PRO D 238 40.63 -28.83 -29.36
C PRO D 238 41.28 -29.10 -30.72
N GLU D 239 40.55 -28.78 -31.79
CA GLU D 239 41.03 -28.94 -33.16
C GLU D 239 42.39 -28.27 -33.31
N GLY D 240 43.42 -29.09 -33.50
CA GLY D 240 44.77 -28.61 -33.80
C GLY D 240 45.58 -28.26 -32.57
N CYS D 241 45.19 -28.79 -31.42
CA CYS D 241 45.90 -28.57 -30.14
C CYS D 241 46.99 -29.64 -29.97
N PRO D 242 48.24 -29.23 -29.74
CA PRO D 242 49.33 -30.20 -29.56
C PRO D 242 49.08 -31.23 -28.45
N GLU D 243 49.36 -32.50 -28.76
CA GLU D 243 49.17 -33.59 -27.80
C GLU D 243 49.89 -33.36 -26.48
N LYS D 244 51.10 -32.78 -26.50
CA LYS D 244 51.78 -32.38 -25.26
C LYS D 244 50.91 -31.45 -24.38
N VAL D 245 50.25 -30.49 -24.99
CA VAL D 245 49.42 -29.52 -24.28
C VAL D 245 48.12 -30.18 -23.79
N TYR D 246 47.46 -30.97 -24.63
CA TYR D 246 46.23 -31.65 -24.19
C TYR D 246 46.52 -32.68 -23.07
N GLU D 247 47.66 -33.37 -23.14
CA GLU D 247 48.09 -34.24 -22.02
C GLU D 247 48.11 -33.42 -20.73
N LEU D 248 48.75 -32.24 -20.79
CA LEU D 248 48.87 -31.35 -19.61
C LEU D 248 47.55 -30.86 -19.01
N MET D 249 46.65 -30.39 -19.87
CA MET D 249 45.27 -30.07 -19.55
C MET D 249 44.61 -31.16 -18.76
N ARG D 250 44.74 -32.39 -19.27
CA ARG D 250 44.15 -33.57 -18.67
C ARG D 250 44.73 -33.87 -17.32
N ALA D 251 46.01 -33.58 -17.15
CA ALA D 251 46.65 -33.75 -15.87
C ALA D 251 46.09 -32.76 -14.86
N CYS D 252 45.81 -31.52 -15.29
CA CYS D 252 45.24 -30.51 -14.37
C CYS D 252 43.76 -30.86 -14.01
N TRP D 253 43.20 -31.86 -14.70
CA TRP D 253 41.82 -32.24 -14.58
C TRP D 253 41.66 -33.60 -13.95
N GLN D 254 42.66 -33.95 -13.16
CA GLN D 254 42.65 -35.21 -12.47
C GLN D 254 41.54 -35.05 -11.46
N TRP D 255 40.63 -36.03 -11.38
CA TRP D 255 39.60 -35.99 -10.32
C TRP D 255 40.16 -35.67 -8.93
N ASN D 256 41.16 -36.44 -8.51
CA ASN D 256 41.85 -36.17 -7.25
C ASN D 256 42.66 -34.91 -7.40
N PRO D 257 42.46 -33.97 -6.47
CA PRO D 257 43.35 -32.81 -6.27
C PRO D 257 44.87 -33.12 -6.32
N SER D 258 45.27 -34.18 -5.64
CA SER D 258 46.69 -34.45 -5.41
C SER D 258 47.39 -35.01 -6.66
N ASP D 259 46.60 -35.72 -7.49
CA ASP D 259 47.11 -36.25 -8.76
C ASP D 259 47.37 -35.16 -9.80
N ARG D 260 47.04 -33.91 -9.50
CA ARG D 260 47.39 -32.81 -10.40
C ARG D 260 48.83 -32.36 -10.17
N PRO D 261 49.47 -31.85 -11.21
CA PRO D 261 50.85 -31.38 -11.10
C PRO D 261 50.86 -30.03 -10.45
N SER D 262 52.00 -29.66 -9.88
CA SER D 262 52.18 -28.31 -9.35
C SER D 262 52.46 -27.33 -10.52
N PHE D 263 52.32 -26.03 -10.25
CA PHE D 263 52.60 -24.99 -11.25
C PHE D 263 54.10 -24.85 -11.57
N ALA D 264 54.94 -25.41 -10.71
CA ALA D 264 56.37 -25.53 -11.00
C ALA D 264 56.57 -26.43 -12.22
N GLU D 265 56.01 -27.64 -12.16
CA GLU D 265 56.18 -28.63 -13.23
C GLU D 265 55.45 -28.21 -14.50
N ILE D 266 54.27 -27.62 -14.34
CA ILE D 266 53.53 -27.12 -15.47
C ILE D 266 54.35 -26.08 -16.21
N HIS D 267 54.98 -25.17 -15.45
CA HIS D 267 55.81 -24.13 -16.04
C HIS D 267 57.05 -24.76 -16.69
N GLN D 268 57.67 -25.70 -15.98
CA GLN D 268 58.76 -26.51 -16.52
C GLN D 268 58.34 -27.14 -17.85
N ALA D 269 57.24 -27.89 -17.81
CA ALA D 269 56.72 -28.53 -19.01
C ALA D 269 56.55 -27.53 -20.15
N PHE D 270 56.01 -26.35 -19.85
CA PHE D 270 55.76 -25.32 -20.88
C PHE D 270 57.02 -24.60 -21.39
N GLU D 271 58.10 -24.61 -20.60
CA GLU D 271 59.39 -24.09 -21.07
C GLU D 271 60.07 -25.01 -22.09
N THR D 272 60.07 -26.31 -21.80
CA THR D 272 60.60 -27.30 -22.71
C THR D 272 59.87 -27.33 -24.05
N MET D 273 58.53 -27.38 -24.03
CA MET D 273 57.76 -27.33 -25.27
C MET D 273 58.14 -26.09 -26.07
N PHE D 274 58.29 -24.99 -25.34
CA PHE D 274 58.52 -23.68 -25.90
C PHE D 274 59.94 -23.50 -26.45
N GLN D 275 60.91 -24.15 -25.80
CA GLN D 275 62.31 -24.02 -26.23
C GLN D 275 62.73 -25.11 -27.22
N GLU D 276 61.74 -25.77 -27.82
CA GLU D 276 61.95 -26.73 -28.88
C GLU D 276 61.11 -26.39 -30.10
N SER D 277 60.52 -25.20 -30.09
CA SER D 277 59.66 -24.75 -31.17
C SER D 277 60.37 -23.72 -32.04
O17 NIL E . -5.93 -0.71 -25.24
C16 NIL E . -6.93 -0.15 -24.88
N14 NIL E . -7.02 0.97 -24.14
C11 NIL E . -5.95 1.60 -23.50
C9 NIL E . -6.17 2.40 -22.35
C8 NIL E . -5.12 3.03 -21.70
N51 NIL E . -5.32 3.80 -20.54
C56 NIL E . -6.49 4.43 -20.10
C55 NIL E . -6.20 5.13 -18.98
C58 NIL E . -7.13 5.95 -18.13
N54 NIL E . -4.89 4.94 -18.71
C52 NIL E . -4.39 4.19 -19.65
C6 NIL E . -3.83 2.92 -22.20
C12 NIL E . -4.65 1.53 -24.02
C5 NIL E . -3.57 2.16 -23.34
C2 NIL E . -2.19 2.02 -23.90
F4 NIL E . -2.10 2.15 -25.23
F3 NIL E . -1.40 3.00 -23.46
F1 NIL E . -1.66 0.80 -23.67
C18 NIL E . -8.18 -0.57 -25.55
C25 NIL E . -9.42 0.10 -25.46
C23 NIL E . -10.51 -0.29 -26.22
C22 NIL E . -10.41 -1.31 -27.16
C27 NIL E . -11.63 -1.72 -27.99
C21 NIL E . -9.17 -1.91 -27.33
C19 NIL E . -8.08 -1.51 -26.54
N31 NIL E . -9.08 -3.04 -28.15
C33 NIL E . -9.18 -4.31 -27.58
N40 NIL E . -9.44 -4.64 -26.32
C38 NIL E . -9.43 -5.95 -26.03
C36 NIL E . -9.15 -6.90 -26.94
C35 NIL E . -8.88 -6.51 -28.21
N34 NIL E . -8.90 -5.22 -28.55
C41 NIL E . -8.59 -7.46 -29.31
C49 NIL E . -8.59 -8.85 -29.10
C47 NIL E . -8.29 -9.70 -30.16
C45 NIL E . -8.04 -9.12 -31.42
N44 NIL E . -8.01 -7.81 -31.64
C42 NIL E . -8.30 -7.00 -30.61
O17 NIL F . -30.65 8.64 0.29
C16 NIL F . -31.76 8.38 0.76
N14 NIL F . -32.85 9.15 0.50
C11 NIL F . -32.80 10.38 -0.16
C9 NIL F . -33.86 11.28 -0.03
C8 NIL F . -33.87 12.52 -0.69
N51 NIL F . -34.93 13.44 -0.48
C56 NIL F . -36.26 13.17 -0.18
C55 NIL F . -36.93 14.35 -0.05
C58 NIL F . -38.40 14.50 0.30
N54 NIL F . -36.04 15.41 -0.28
C52 NIL F . -34.88 14.81 -0.53
C6 NIL F . -32.80 12.79 -1.57
C12 NIL F . -31.76 10.70 -1.08
C5 NIL F . -31.74 11.89 -1.78
C2 NIL F . -30.59 12.21 -2.75
F4 NIL F . -30.18 11.13 -3.52
F3 NIL F . -30.98 13.13 -3.69
F1 NIL F . -29.48 12.67 -2.13
C18 NIL F . -31.96 7.00 1.35
C25 NIL F . -33.24 6.50 1.66
C23 NIL F . -33.46 5.17 2.08
C22 NIL F . -32.40 4.25 2.11
C27 NIL F . -32.69 2.81 2.56
C21 NIL F . -31.11 4.69 1.72
C19 NIL F . -30.92 6.06 1.34
N31 NIL F . -29.99 3.86 1.96
C33 NIL F . -29.23 4.14 3.12
N40 NIL F . -29.46 5.02 4.08
C38 NIL F . -28.53 5.16 5.06
C36 NIL F . -27.40 4.43 5.08
C35 NIL F . -27.20 3.56 4.06
N34 NIL F . -28.11 3.39 3.11
C41 NIL F . -26.03 2.65 3.98
C49 NIL F . -25.08 2.62 5.03
C47 NIL F . -24.02 1.72 4.95
C45 NIL F . -23.94 0.87 3.83
N44 NIL F . -24.85 0.88 2.83
C42 NIL F . -25.89 1.76 2.91
O17 NIL G . -22.84 3.30 47.60
C16 NIL G . -23.37 2.86 48.59
N14 NIL G . -24.42 2.04 48.57
C11 NIL G . -25.13 1.66 47.41
C9 NIL G . -26.43 1.19 47.57
C8 NIL G . -27.21 0.73 46.49
N51 NIL G . -28.53 0.29 46.69
C56 NIL G . -29.00 -0.53 47.75
C55 NIL G . -30.34 -0.73 47.53
C58 NIL G . -31.32 -1.54 48.38
N54 NIL G . -30.71 -0.04 46.39
C52 NIL G . -29.61 0.57 45.91
C6 NIL G . -26.63 0.75 45.21
C12 NIL G . -24.55 1.61 46.13
C5 NIL G . -25.30 1.19 45.03
C2 NIL G . -24.68 1.19 43.65
F4 NIL G . -23.45 0.60 43.64
F3 NIL G . -25.48 0.54 42.76
F1 NIL G . -24.50 2.45 43.16
C18 NIL G . -22.70 3.07 49.91
C25 NIL G . -23.14 2.55 51.16
C23 NIL G . -22.41 2.71 52.35
C22 NIL G . -21.19 3.43 52.32
C27 NIL G . -20.49 3.59 53.63
C21 NIL G . -20.68 3.89 51.06
C19 NIL G . -21.45 3.72 49.91
N31 NIL G . -19.57 4.74 50.94
C33 NIL G . -19.77 6.13 50.97
N40 NIL G . -20.89 6.81 51.09
C38 NIL G . -20.76 8.16 51.11
C36 NIL G . -19.59 8.78 50.97
C35 NIL G . -18.46 8.05 50.86
N34 NIL G . -18.56 6.72 50.82
C41 NIL G . -17.10 8.65 50.65
C49 NIL G . -16.91 10.04 50.65
C47 NIL G . -15.62 10.59 50.46
C45 NIL G . -14.57 9.72 50.25
N44 NIL G . -14.73 8.38 50.21
C42 NIL G . -15.97 7.89 50.39
O17 NIL H . 44.00 -7.33 -10.92
C16 NIL H . 43.62 -6.56 -10.03
N14 NIL H . 43.66 -6.79 -8.69
C11 NIL H . 44.04 -7.98 -8.08
C9 NIL H . 43.61 -8.26 -6.76
C8 NIL H . 43.95 -9.48 -6.09
N51 NIL H . 43.49 -9.79 -4.79
C56 NIL H . 43.16 -8.89 -3.79
C55 NIL H . 42.72 -9.59 -2.70
C58 NIL H . 42.25 -8.98 -1.36
N54 NIL H . 42.76 -10.95 -2.99
C52 NIL H . 43.23 -11.01 -4.26
C6 NIL H . 44.75 -10.39 -6.81
C12 NIL H . 44.88 -8.90 -8.74
C5 NIL H . 45.20 -10.11 -8.11
C2 NIL H . 46.08 -11.07 -8.85
F4 NIL H . 47.18 -10.41 -9.33
F3 NIL H . 46.53 -12.06 -8.01
F1 NIL H . 45.43 -11.59 -9.93
C18 NIL H . 43.21 -5.16 -10.40
C25 NIL H . 42.62 -4.22 -9.52
C23 NIL H . 42.32 -2.90 -9.93
C22 NIL H . 42.62 -2.45 -11.22
C27 NIL H . 42.28 -1.01 -11.62
C21 NIL H . 43.30 -3.32 -12.08
C19 NIL H . 43.55 -4.66 -11.67
N31 NIL H . 43.43 -2.97 -13.43
C33 NIL H . 42.30 -3.33 -14.19
N40 NIL H . 41.12 -3.85 -13.82
C38 NIL H . 40.22 -4.14 -14.83
C36 NIL H . 40.50 -3.93 -16.15
C35 NIL H . 41.71 -3.41 -16.44
N34 NIL H . 42.58 -3.14 -15.46
C41 NIL H . 42.22 -3.10 -17.80
C49 NIL H . 41.39 -3.15 -18.95
C47 NIL H . 41.96 -2.85 -20.20
C45 NIL H . 43.31 -2.49 -20.26
N44 NIL H . 44.11 -2.43 -19.18
C42 NIL H . 43.57 -2.72 -17.97
#